data_3HWW
#
_entry.id   3HWW
#
_cell.length_a   117.910
_cell.length_b   117.910
_cell.length_c   175.276
_cell.angle_alpha   90.00
_cell.angle_beta   90.00
_cell.angle_gamma   90.00
#
_symmetry.space_group_name_H-M   'P 41 21 2'
#
loop_
_entity.id
_entity.type
_entity.pdbx_description
1 polymer '2-succinyl-5-enolpyruvyl-6-hydroxy-3-cyclohexene-1-carboxylate synthase'
2 non-polymer '2-OXOGLUTARIC ACID'
3 non-polymer 'MAGNESIUM ION'
4 non-polymer 'SODIUM ION'
5 non-polymer 'CHLORIDE ION'
6 non-polymer GLYCEROL
7 water water
#
_entity_poly.entity_id   1
_entity_poly.type   'polypeptide(L)'
_entity_poly.pdbx_seq_one_letter_code
;MSVSAFNRRWAAVILEALTRHGVRHICIAPGSRSTLLTLAAAENSAFIHHTHFDERGLGHLALGLAKVSKQPVAVIVTSG
TAVANLYPALIEAGLTGEKLILLTADRPPELIDCGANQAIRQPGMFASHPTHSISLPRPTQDIPARWLVSTIDHALGTLH
AGGVHINCPFAEPLYGEMDDTGLSWQQRLGDWWQDDKPWLREAPRLESEKQRDWFFWRQKRGVVVAGRMSAEEGKKVALW
AQTLGWPLIGDVLSQTGQPLPCADLWLGNAKATSELQQAQIVVQLGSSLTGKRLLQWQASCEPEEYWIVDDIEGRLDPAH
HRGRRLIANIADWLELHPAEKRQPWCVEIPRLAEQAMQAVIARRDAFGEAQLAHRICDYLPEQGQLFVGNSLVVRLIDAL
SQLPAGYPVYSNRGASGIDGLLSTAAGVQRASGKPTLAIVGDLSALYDLNALALLRQVSAPLVLIVVNNNGGQIFSLLPT
PQSERERFYLMPQNVHFEHAAAMFELKYHRPQNWQELETAFADAWRTPTTTVIEMVVNDTDGAQTLQQLLAQVSHL
;
_entity_poly.pdbx_strand_id   A,D
#
loop_
_chem_comp.id
_chem_comp.type
_chem_comp.name
_chem_comp.formula
AKG non-polymer '2-OXOGLUTARIC ACID' 'C5 H6 O5'
CL non-polymer 'CHLORIDE ION' 'Cl -1'
GOL non-polymer GLYCEROL 'C3 H8 O3'
MG non-polymer 'MAGNESIUM ION' 'Mg 2'
NA non-polymer 'SODIUM ION' 'Na 1'
#
# COMPACT_ATOMS: atom_id res chain seq x y z
N MET A 1 17.18 12.53 34.19
CA MET A 1 15.88 11.92 34.62
C MET A 1 14.82 11.67 33.48
N SER A 2 14.50 12.65 32.65
CA SER A 2 13.34 12.53 31.75
C SER A 2 13.60 11.93 30.36
N VAL A 3 13.14 10.69 30.19
CA VAL A 3 13.17 9.99 28.90
C VAL A 3 12.45 10.76 27.78
N SER A 4 11.29 11.34 28.06
CA SER A 4 10.62 12.06 26.99
C SER A 4 11.35 13.36 26.62
N ALA A 5 12.03 13.99 27.59
CA ALA A 5 12.79 15.23 27.33
C ALA A 5 13.97 14.92 26.42
N PHE A 6 14.68 13.85 26.75
CA PHE A 6 15.70 13.34 25.88
C PHE A 6 15.19 12.92 24.47
N ASN A 7 14.07 12.19 24.39
CA ASN A 7 13.59 11.67 23.10
C ASN A 7 13.32 12.79 22.14
N ARG A 8 12.82 13.92 22.70
CA ARG A 8 12.50 15.14 21.92
C ARG A 8 13.72 15.77 21.31
N ARG A 9 14.83 15.73 22.05
CA ARG A 9 16.03 16.34 21.60
C ARG A 9 16.81 15.49 20.61
N TRP A 10 16.77 14.16 20.77
CA TRP A 10 17.23 13.22 19.74
C TRP A 10 16.53 13.50 18.42
N ALA A 11 15.18 13.53 18.47
CA ALA A 11 14.36 13.80 17.31
C ALA A 11 14.70 15.13 16.65
N ALA A 12 14.94 16.15 17.48
CA ALA A 12 15.22 17.49 16.92
C ALA A 12 16.56 17.50 16.20
N VAL A 13 17.48 16.66 16.68
CA VAL A 13 18.78 16.61 16.05
C VAL A 13 18.63 15.96 14.68
N ILE A 14 17.78 14.93 14.60
CA ILE A 14 17.61 14.20 13.33
C ILE A 14 16.98 15.20 12.35
N LEU A 15 15.94 15.94 12.78
CA LEU A 15 15.33 16.89 11.84
C LEU A 15 16.27 18.03 11.48
N GLU A 16 17.01 18.54 12.44
CA GLU A 16 17.91 19.67 12.11
C GLU A 16 18.86 19.24 11.03
N ALA A 17 19.44 18.04 11.18
CA ALA A 17 20.36 17.53 10.16
C ALA A 17 19.78 17.42 8.77
N LEU A 18 18.50 17.05 8.58
CA LEU A 18 17.97 16.95 7.21
C LEU A 18 17.96 18.30 6.51
N THR A 19 17.73 19.30 7.33
CA THR A 19 17.66 20.68 6.99
C THR A 19 18.96 21.11 6.26
N ARG A 20 20.10 20.49 6.62
CA ARG A 20 21.36 20.91 5.98
C ARG A 20 21.59 20.26 4.60
N HIS A 21 20.61 19.47 4.13
CA HIS A 21 20.82 18.72 2.90
C HIS A 21 19.80 19.09 1.85
N GLY A 22 19.15 20.22 2.04
CA GLY A 22 18.15 20.67 1.09
C GLY A 22 16.73 20.22 1.39
N VAL A 23 16.49 19.49 2.49
CA VAL A 23 15.14 19.03 2.79
C VAL A 23 14.33 20.25 3.27
N ARG A 24 13.30 20.57 2.51
CA ARG A 24 12.49 21.76 2.69
C ARG A 24 11.09 21.20 2.96
N HIS A 25 10.60 20.33 2.07
CA HIS A 25 9.20 19.82 2.19
C HIS A 25 9.15 18.59 3.10
N ILE A 26 8.06 18.41 3.86
CA ILE A 26 7.99 17.27 4.70
C ILE A 26 6.54 16.79 4.74
N CYS A 27 6.32 15.49 4.56
CA CYS A 27 4.97 14.93 4.52
C CYS A 27 4.74 14.05 5.72
N ILE A 28 3.61 14.31 6.37
CA ILE A 28 3.25 13.69 7.64
C ILE A 28 1.82 13.19 7.64
N ALA A 29 1.64 11.97 8.14
CA ALA A 29 0.35 11.41 8.35
C ALA A 29 0.39 11.35 9.83
N PRO A 30 -0.50 12.11 10.48
CA PRO A 30 -0.47 12.17 11.95
C PRO A 30 -0.77 10.77 12.58
N GLY A 31 -0.38 10.56 13.85
CA GLY A 31 -0.64 9.26 14.53
C GLY A 31 0.26 9.15 15.76
N SER A 32 -0.31 8.84 16.93
CA SER A 32 0.32 9.28 18.19
C SER A 32 1.51 8.45 18.77
N ARG A 33 2.28 7.79 17.91
CA ARG A 33 3.56 7.21 18.31
C ARG A 33 4.78 7.73 17.47
N SER A 34 4.51 8.62 16.51
CA SER A 34 5.56 9.38 15.76
C SER A 34 5.61 10.83 16.27
N THR A 35 4.62 11.13 17.11
CA THR A 35 4.60 12.26 18.01
C THR A 35 5.95 13.01 18.08
N LEU A 36 7.02 12.37 18.55
CA LEU A 36 8.25 13.12 18.72
C LEU A 36 8.74 13.73 17.41
N LEU A 37 8.55 12.99 16.31
CA LEU A 37 9.11 13.41 15.02
C LEU A 37 8.27 14.51 14.42
N THR A 38 6.96 14.25 14.37
CA THR A 38 5.96 15.27 14.01
C THR A 38 6.11 16.53 14.86
N LEU A 39 6.34 16.37 16.18
CA LEU A 39 6.48 17.50 17.07
C LEU A 39 7.77 18.26 16.78
N ALA A 40 8.90 17.56 16.54
CA ALA A 40 10.15 18.27 16.22
C ALA A 40 10.03 18.97 14.84
N ALA A 41 9.22 18.38 13.99
CA ALA A 41 8.89 18.90 12.65
C ALA A 41 8.10 20.21 12.69
N ALA A 42 7.17 20.30 13.62
CA ALA A 42 6.39 21.52 13.79
C ALA A 42 7.25 22.67 14.41
N GLU A 43 8.04 22.39 15.46
CA GLU A 43 9.00 23.37 16.02
C GLU A 43 9.99 23.93 14.98
N ASN A 44 10.24 23.14 13.91
CA ASN A 44 11.27 23.49 12.95
C ASN A 44 10.70 24.31 11.81
N SER A 45 11.05 25.60 11.85
CA SER A 45 10.50 26.62 10.92
C SER A 45 10.96 26.40 9.49
N ALA A 46 12.04 25.65 9.32
CA ALA A 46 12.59 25.32 8.00
C ALA A 46 11.66 24.51 7.08
N PHE A 47 10.71 23.77 7.62
CA PHE A 47 9.92 22.88 6.78
C PHE A 47 8.60 23.45 6.28
N ILE A 48 8.31 23.21 5.01
CA ILE A 48 6.93 23.32 4.51
C ILE A 48 6.27 21.94 4.68
N HIS A 49 5.13 21.95 5.37
CA HIS A 49 4.39 20.80 5.79
C HIS A 49 3.23 20.37 4.84
N HIS A 50 3.12 19.07 4.58
CA HIS A 50 1.94 18.53 3.92
C HIS A 50 1.43 17.32 4.66
N THR A 51 0.12 17.06 4.59
CA THR A 51 -0.45 15.90 5.27
C THR A 51 -1.44 15.16 4.36
N HIS A 52 -1.72 13.92 4.74
CA HIS A 52 -2.73 13.08 4.12
C HIS A 52 -2.88 11.96 5.09
N PHE A 53 -4.04 11.34 5.11
CA PHE A 53 -4.40 10.36 6.10
C PHE A 53 -4.07 8.96 5.57
N ASP A 54 -3.81 8.83 4.27
CA ASP A 54 -3.51 7.53 3.63
C ASP A 54 -1.99 7.52 3.37
N GLU A 55 -1.25 6.64 4.06
CA GLU A 55 0.25 6.66 3.99
C GLU A 55 0.77 6.25 2.60
N ARG A 56 0.08 5.30 1.92
CA ARG A 56 0.40 5.05 0.53
C ARG A 56 0.38 6.34 -0.30
N GLY A 57 -0.69 7.10 -0.18
CA GLY A 57 -0.84 8.34 -0.97
C GLY A 57 0.15 9.42 -0.50
N LEU A 58 0.50 9.39 0.80
CA LEU A 58 1.49 10.29 1.34
C LEU A 58 2.86 10.08 0.70
N GLY A 59 3.28 8.82 0.59
CA GLY A 59 4.49 8.50 -0.16
C GLY A 59 4.47 9.08 -1.57
N HIS A 60 3.37 8.91 -2.28
CA HIS A 60 3.29 9.42 -3.60
C HIS A 60 3.22 10.93 -3.66
N LEU A 61 2.58 11.52 -2.66
CA LEU A 61 2.58 12.98 -2.51
C LEU A 61 4.04 13.43 -2.45
N ALA A 62 4.84 12.78 -1.58
CA ALA A 62 6.24 13.13 -1.41
C ALA A 62 7.02 12.94 -2.71
N LEU A 63 6.63 11.89 -3.41
CA LEU A 63 7.27 11.52 -4.65
C LEU A 63 7.08 12.57 -5.69
N GLY A 64 5.84 13.07 -5.83
CA GLY A 64 5.51 14.21 -6.70
C GLY A 64 6.28 15.50 -6.35
N LEU A 65 6.28 15.88 -5.06
CA LEU A 65 7.08 17.06 -4.65
C LEU A 65 8.56 16.88 -5.06
N ALA A 66 9.19 15.73 -4.77
CA ALA A 66 10.61 15.50 -5.13
C ALA A 66 10.83 15.55 -6.63
N LYS A 67 10.04 14.78 -7.37
CA LYS A 67 10.01 14.78 -8.85
C LYS A 67 10.06 16.20 -9.48
N VAL A 68 9.28 17.14 -8.98
CA VAL A 68 9.37 18.49 -9.52
C VAL A 68 10.54 19.32 -8.94
N SER A 69 10.68 19.39 -7.62
CA SER A 69 11.74 20.27 -7.05
C SER A 69 13.13 19.74 -7.27
N LYS A 70 13.28 18.43 -7.52
CA LYS A 70 14.62 17.83 -7.66
C LYS A 70 15.43 17.95 -6.35
N GLN A 71 14.72 18.21 -5.24
CA GLN A 71 15.31 18.18 -3.87
C GLN A 71 14.81 16.95 -3.11
N PRO A 72 15.58 16.54 -2.09
CA PRO A 72 15.07 15.51 -1.18
C PRO A 72 13.84 15.98 -0.38
N VAL A 73 12.93 15.05 -0.10
CA VAL A 73 11.65 15.33 0.56
C VAL A 73 11.50 14.26 1.63
N ALA A 74 11.16 14.68 2.84
CA ALA A 74 11.04 13.82 4.00
C ALA A 74 9.60 13.37 4.17
N VAL A 75 9.46 12.21 4.82
CA VAL A 75 8.14 11.64 5.13
C VAL A 75 8.25 11.07 6.54
N ILE A 76 7.35 11.49 7.41
CA ILE A 76 7.33 10.91 8.73
C ILE A 76 6.03 10.15 8.88
N VAL A 77 6.14 8.96 9.42
CA VAL A 77 4.98 8.09 9.68
C VAL A 77 5.16 7.42 11.00
N THR A 78 4.05 6.94 11.53
CA THR A 78 4.11 6.22 12.77
C THR A 78 4.44 4.70 12.59
N SER A 79 4.72 3.99 13.67
CA SER A 79 5.14 2.59 13.57
C SER A 79 3.99 1.73 13.05
N GLY A 80 4.28 0.52 12.53
CA GLY A 80 3.27 -0.47 12.05
C GLY A 80 3.01 -0.44 10.54
N THR A 81 1.82 -0.85 10.12
CA THR A 81 1.56 -0.95 8.65
C THR A 81 1.54 0.42 7.97
N ALA A 82 1.38 1.47 8.75
CA ALA A 82 1.67 2.79 8.20
C ALA A 82 2.97 2.70 7.37
N VAL A 83 3.99 2.08 7.92
CA VAL A 83 5.29 2.14 7.27
C VAL A 83 5.23 1.38 5.94
N ALA A 84 4.50 0.25 5.94
CA ALA A 84 4.57 -0.65 4.75
C ALA A 84 3.94 0.05 3.56
N ASN A 85 2.96 0.91 3.82
CA ASN A 85 2.29 1.66 2.75
C ASN A 85 3.17 2.61 1.97
N LEU A 86 4.36 2.92 2.52
CA LEU A 86 5.36 3.67 1.78
C LEU A 86 6.06 2.93 0.64
N TYR A 87 5.96 1.60 0.59
CA TYR A 87 6.74 0.78 -0.39
C TYR A 87 6.56 1.19 -1.86
N PRO A 88 5.32 1.33 -2.33
CA PRO A 88 5.21 1.69 -3.75
C PRO A 88 6.02 2.93 -4.09
N ALA A 89 5.84 4.00 -3.33
CA ALA A 89 6.38 5.29 -3.79
C ALA A 89 7.94 5.09 -3.59
N LEU A 90 8.32 4.32 -2.59
CA LEU A 90 9.73 4.04 -2.39
C LEU A 90 10.36 3.34 -3.60
N ILE A 91 9.62 2.39 -4.14
CA ILE A 91 10.08 1.58 -5.22
C ILE A 91 10.26 2.42 -6.50
N GLU A 92 9.28 3.27 -6.74
CA GLU A 92 9.23 4.14 -7.91
C GLU A 92 10.44 5.09 -7.84
N ALA A 93 10.66 5.68 -6.69
CA ALA A 93 11.84 6.55 -6.48
C ALA A 93 13.18 5.86 -6.77
N GLY A 94 13.27 4.57 -6.44
CA GLY A 94 14.47 3.82 -6.66
C GLY A 94 14.68 3.67 -8.14
N LEU A 95 13.62 3.68 -8.95
CA LEU A 95 13.81 3.58 -10.41
C LEU A 95 14.02 4.92 -11.08
N THR A 96 13.33 5.96 -10.61
CA THR A 96 13.46 7.25 -11.28
C THR A 96 14.30 8.26 -10.52
N GLY A 97 14.74 7.93 -9.30
CA GLY A 97 15.78 8.72 -8.70
C GLY A 97 15.29 9.82 -7.79
N GLU A 98 13.99 9.87 -7.52
CA GLU A 98 13.54 10.73 -6.43
C GLU A 98 14.22 10.45 -5.11
N LYS A 99 14.62 11.52 -4.41
CA LYS A 99 15.21 11.40 -3.07
C LYS A 99 14.18 11.50 -1.95
N LEU A 100 13.66 10.36 -1.52
CA LEU A 100 12.65 10.37 -0.51
C LEU A 100 13.26 9.92 0.83
N ILE A 101 13.14 10.75 1.84
CA ILE A 101 13.77 10.42 3.11
C ILE A 101 12.64 9.98 3.97
N LEU A 102 12.56 8.69 4.23
CA LEU A 102 11.50 8.12 4.99
C LEU A 102 11.92 8.00 6.40
N LEU A 103 11.23 8.69 7.31
CA LEU A 103 11.53 8.62 8.73
C LEU A 103 10.38 7.92 9.35
N THR A 104 10.67 6.69 9.74
CA THR A 104 9.63 5.82 10.24
C THR A 104 9.84 5.61 11.73
N ALA A 105 8.87 6.10 12.48
CA ALA A 105 8.93 5.91 13.90
C ALA A 105 8.75 4.44 14.18
N ASP A 106 9.40 3.97 15.23
CA ASP A 106 9.30 2.57 15.56
C ASP A 106 9.11 2.46 17.05
N ARG A 107 8.59 1.34 17.51
CA ARG A 107 8.62 1.01 18.94
C ARG A 107 10.08 0.79 19.30
N PRO A 108 10.43 0.82 20.62
CA PRO A 108 11.78 0.44 21.00
C PRO A 108 12.01 -1.07 20.89
N PRO A 109 13.29 -1.49 20.88
CA PRO A 109 13.56 -2.89 20.61
C PRO A 109 12.94 -3.87 21.64
N GLU A 110 12.74 -3.45 22.87
CA GLU A 110 12.16 -4.33 23.89
C GLU A 110 10.71 -4.59 23.59
N LEU A 111 10.11 -3.81 22.70
CA LEU A 111 8.69 -4.00 22.41
C LEU A 111 8.46 -4.65 21.06
N ILE A 112 9.50 -5.16 20.42
CA ILE A 112 9.25 -5.75 19.15
C ILE A 112 9.07 -7.27 19.38
N ASP A 113 8.20 -7.94 18.59
CA ASP A 113 8.09 -9.44 18.60
C ASP A 113 7.62 -9.95 19.95
N CYS A 114 6.69 -9.25 20.57
CA CYS A 114 6.24 -9.69 21.92
C CYS A 114 4.79 -9.34 22.16
N GLY A 115 4.02 -9.15 21.09
CA GLY A 115 2.56 -9.05 21.26
C GLY A 115 2.12 -7.61 21.49
N ALA A 116 3.06 -6.67 21.41
CA ALA A 116 2.77 -5.25 21.69
C ALA A 116 2.01 -4.66 20.50
N ASN A 117 1.42 -3.49 20.67
CA ASN A 117 0.51 -3.01 19.66
C ASN A 117 1.19 -2.13 18.66
N GLN A 118 0.78 -2.21 17.40
CA GLN A 118 1.29 -1.32 16.40
C GLN A 118 2.82 -1.56 16.30
N ALA A 119 3.19 -2.83 16.45
CA ALA A 119 4.59 -3.17 16.58
C ALA A 119 4.92 -4.32 15.63
N ILE A 120 5.85 -4.03 14.71
CA ILE A 120 6.31 -4.99 13.71
C ILE A 120 7.80 -4.81 13.52
N ARG A 121 8.40 -5.68 12.71
CA ARG A 121 9.82 -5.58 12.38
C ARG A 121 10.06 -4.60 11.21
N GLN A 122 10.67 -3.44 11.50
CA GLN A 122 10.76 -2.35 10.53
C GLN A 122 12.18 -2.26 9.89
N PRO A 123 13.26 -2.58 10.65
CA PRO A 123 14.60 -2.51 10.00
C PRO A 123 14.74 -3.45 8.82
N GLY A 124 15.17 -2.95 7.67
CA GLY A 124 15.32 -3.78 6.46
C GLY A 124 13.96 -4.18 5.82
N MET A 125 12.86 -3.58 6.27
CA MET A 125 11.50 -3.84 5.71
C MET A 125 11.44 -3.70 4.21
N PHE A 126 12.26 -2.80 3.69
CA PHE A 126 12.17 -2.44 2.27
C PHE A 126 13.28 -3.12 1.47
N ALA A 127 13.95 -4.11 2.08
CA ALA A 127 14.90 -4.93 1.35
C ALA A 127 15.88 -4.02 0.53
N SER A 128 16.07 -4.29 -0.76
CA SER A 128 17.13 -3.55 -1.52
C SER A 128 16.63 -2.29 -2.19
N HIS A 129 15.38 -1.92 -1.90
CA HIS A 129 14.80 -0.77 -2.62
C HIS A 129 15.31 0.63 -2.19
N PRO A 130 15.55 0.89 -0.88
CA PRO A 130 16.20 2.19 -0.58
C PRO A 130 17.61 2.21 -1.16
N THR A 131 18.15 3.39 -1.57
CA THR A 131 19.59 3.56 -1.77
C THR A 131 20.38 3.40 -0.47
N HIS A 132 19.93 3.98 0.65
CA HIS A 132 20.58 3.75 1.96
C HIS A 132 19.49 3.41 2.96
N SER A 133 19.82 2.57 3.93
CA SER A 133 18.95 2.33 5.06
C SER A 133 19.74 2.62 6.31
N ILE A 134 19.21 3.43 7.22
CA ILE A 134 19.79 3.65 8.55
C ILE A 134 18.79 3.07 9.56
N SER A 135 19.10 1.98 10.31
CA SER A 135 18.27 1.63 11.48
C SER A 135 18.86 2.31 12.73
N LEU A 136 18.30 3.42 13.12
CA LEU A 136 18.88 4.12 14.30
C LEU A 136 18.74 3.31 15.58
N PRO A 137 19.72 3.44 16.47
CA PRO A 137 19.69 2.75 17.79
C PRO A 137 18.63 3.37 18.73
N ARG A 138 18.22 2.62 19.77
CA ARG A 138 17.42 3.15 20.88
C ARG A 138 18.10 4.44 21.38
N PRO A 139 17.36 5.56 21.52
CA PRO A 139 18.00 6.80 21.94
C PRO A 139 18.69 6.70 23.30
N THR A 140 19.92 7.20 23.38
CA THR A 140 20.58 7.29 24.67
C THR A 140 21.57 8.41 24.59
N GLN A 141 21.82 9.05 25.73
CA GLN A 141 22.82 10.10 25.81
C GLN A 141 24.23 9.59 25.72
N ASP A 142 24.42 8.30 25.95
CA ASP A 142 25.74 7.73 25.86
C ASP A 142 26.23 7.68 24.40
N ILE A 143 25.34 7.93 23.42
CA ILE A 143 25.76 8.06 21.99
C ILE A 143 25.77 9.58 21.70
N PRO A 144 26.93 10.15 21.24
CA PRO A 144 26.97 11.64 21.08
C PRO A 144 26.18 12.17 19.88
N ALA A 145 25.61 13.32 20.05
CA ALA A 145 24.84 13.94 19.00
C ALA A 145 25.66 14.02 17.67
N ARG A 146 26.97 14.13 17.78
CA ARG A 146 27.80 14.15 16.56
C ARG A 146 27.80 12.82 15.78
N TRP A 147 27.67 11.67 16.47
CA TRP A 147 27.54 10.37 15.78
C TRP A 147 26.25 10.45 14.96
N LEU A 148 25.16 10.82 15.64
CA LEU A 148 23.82 10.82 15.04
C LEU A 148 23.74 11.73 13.84
N VAL A 149 24.28 12.95 13.93
CA VAL A 149 24.17 13.76 12.75
C VAL A 149 25.16 13.32 11.70
N SER A 150 26.31 12.78 12.10
CA SER A 150 27.24 12.29 11.09
C SER A 150 26.64 11.12 10.28
N THR A 151 25.93 10.20 10.94
CA THR A 151 25.28 9.10 10.19
C THR A 151 24.26 9.61 9.21
N ILE A 152 23.49 10.60 9.57
CA ILE A 152 22.53 11.14 8.65
C ILE A 152 23.23 11.85 7.52
N ASP A 153 24.25 12.62 7.85
CA ASP A 153 25.04 13.32 6.80
C ASP A 153 25.72 12.37 5.86
N HIS A 154 26.20 11.24 6.37
CA HIS A 154 26.69 10.25 5.48
C HIS A 154 25.63 9.77 4.45
N ALA A 155 24.47 9.31 4.89
CA ALA A 155 23.41 8.85 4.01
C ALA A 155 22.94 9.91 2.98
N LEU A 156 22.76 11.15 3.41
CA LEU A 156 22.22 12.15 2.51
C LEU A 156 23.28 12.70 1.62
N GLY A 157 24.50 12.70 2.11
CA GLY A 157 25.54 13.37 1.38
C GLY A 157 25.97 12.51 0.23
N THR A 158 26.07 11.19 0.46
CA THR A 158 26.47 10.28 -0.58
C THR A 158 25.33 9.96 -1.51
N LEU A 159 24.14 10.48 -1.28
CA LEU A 159 22.97 10.04 -2.01
C LEU A 159 22.92 10.60 -3.45
N HIS A 160 23.29 9.78 -4.43
CA HIS A 160 23.19 10.17 -5.84
C HIS A 160 21.70 10.32 -6.27
N ALA A 161 20.83 9.44 -5.78
CA ALA A 161 19.47 9.23 -6.30
C ALA A 161 18.75 8.16 -5.48
N GLY A 162 17.42 8.25 -5.42
CA GLY A 162 16.61 7.24 -4.75
C GLY A 162 16.33 7.58 -3.31
N GLY A 163 15.65 6.69 -2.62
CA GLY A 163 15.22 6.91 -1.27
C GLY A 163 16.16 6.42 -0.17
N VAL A 164 15.85 6.81 1.06
CA VAL A 164 16.69 6.46 2.22
C VAL A 164 15.70 6.13 3.29
N HIS A 165 15.83 4.99 3.96
CA HIS A 165 14.87 4.67 5.01
C HIS A 165 15.58 4.89 6.30
N ILE A 166 15.12 5.82 7.12
CA ILE A 166 15.69 5.95 8.46
C ILE A 166 14.65 5.52 9.42
N ASN A 167 14.93 4.39 10.04
CA ASN A 167 14.06 3.88 11.06
C ASN A 167 14.46 4.48 12.40
N CYS A 168 13.46 4.97 13.15
CA CYS A 168 13.68 5.80 14.29
C CYS A 168 12.90 5.28 15.50
N PRO A 169 13.53 4.36 16.27
CA PRO A 169 12.85 3.90 17.47
C PRO A 169 12.93 4.94 18.59
N PHE A 170 11.90 4.92 19.43
CA PHE A 170 11.79 5.81 20.58
C PHE A 170 11.35 5.00 21.74
N ALA A 171 12.05 5.24 22.84
CA ALA A 171 11.69 4.70 24.15
C ALA A 171 10.34 5.28 24.58
N GLU A 172 9.46 4.41 25.06
CA GLU A 172 8.23 4.83 25.75
C GLU A 172 8.58 5.27 27.19
N PRO A 173 7.93 6.30 27.73
CA PRO A 173 6.76 7.06 27.29
C PRO A 173 7.09 8.28 26.39
N LEU A 174 6.20 8.58 25.45
CA LEU A 174 6.44 9.63 24.44
C LEU A 174 5.97 11.03 24.88
N TYR A 175 5.72 11.15 26.17
CA TYR A 175 5.05 12.30 26.77
C TYR A 175 5.53 12.41 28.22
N GLY A 176 5.45 13.62 28.76
CA GLY A 176 5.51 13.82 30.20
C GLY A 176 6.40 14.91 30.74
N GLU A 177 7.50 14.46 31.33
CA GLU A 177 8.22 15.14 32.41
C GLU A 177 8.88 16.54 32.19
N MET A 178 9.37 16.83 30.97
CA MET A 178 9.61 18.21 30.44
C MET A 178 10.85 19.09 30.88
N ASP A 179 11.89 18.43 31.37
CA ASP A 179 13.04 19.13 31.95
C ASP A 179 14.25 19.36 31.01
N ASP A 180 15.45 19.49 31.58
CA ASP A 180 16.71 19.74 30.87
C ASP A 180 17.41 18.47 30.38
N THR A 181 16.82 17.30 30.60
CA THR A 181 17.49 16.07 30.18
C THR A 181 17.86 16.14 28.69
N GLY A 182 19.13 15.86 28.41
CA GLY A 182 19.66 15.94 27.07
C GLY A 182 19.98 17.33 26.53
N LEU A 183 19.81 18.35 27.36
CA LEU A 183 20.19 19.72 26.99
C LEU A 183 21.70 19.88 26.78
N SER A 184 22.53 19.47 27.75
CA SER A 184 23.95 19.56 27.46
C SER A 184 24.44 18.56 26.41
N TRP A 185 23.68 17.47 26.18
CA TRP A 185 23.95 16.54 25.10
C TRP A 185 23.83 17.28 23.75
N GLN A 186 22.77 18.02 23.54
CA GLN A 186 22.70 18.86 22.30
C GLN A 186 23.80 19.95 22.17
N GLN A 187 24.19 20.50 23.31
CA GLN A 187 25.11 21.63 23.39
C GLN A 187 26.52 21.24 22.93
N ARG A 188 26.85 19.93 22.96
CA ARG A 188 28.16 19.57 22.42
C ARG A 188 28.26 19.80 20.92
N LEU A 189 27.14 19.99 20.21
CA LEU A 189 27.29 20.32 18.79
C LEU A 189 27.86 21.72 18.59
N GLY A 190 27.83 22.58 19.62
CA GLY A 190 28.46 23.90 19.52
C GLY A 190 27.73 24.73 18.45
N ASP A 191 28.45 25.56 17.68
CA ASP A 191 27.71 26.51 16.85
C ASP A 191 27.33 25.90 15.51
N TRP A 192 27.52 24.59 15.36
CA TRP A 192 26.83 23.89 14.25
C TRP A 192 25.30 24.25 14.27
N TRP A 193 24.75 24.52 15.46
CA TRP A 193 23.33 24.95 15.55
C TRP A 193 22.93 26.22 14.76
N GLN A 194 23.84 27.18 14.60
CA GLN A 194 23.54 28.40 13.83
C GLN A 194 24.14 28.28 12.45
N ASP A 195 24.76 27.14 12.18
CA ASP A 195 25.34 26.99 10.86
C ASP A 195 24.21 26.56 9.93
N ASP A 196 24.67 26.04 8.82
CA ASP A 196 24.22 26.22 7.51
C ASP A 196 24.53 24.94 6.67
N LYS A 197 25.51 24.19 7.13
CA LYS A 197 26.12 23.15 6.33
C LYS A 197 26.01 21.93 7.20
N PRO A 198 26.10 20.74 6.61
CA PRO A 198 26.15 19.52 7.39
C PRO A 198 27.28 19.58 8.41
N TRP A 199 27.22 18.68 9.38
CA TRP A 199 28.26 18.50 10.33
C TRP A 199 29.45 17.85 9.60
N LEU A 200 29.14 16.75 8.93
CA LEU A 200 30.10 16.04 8.11
C LEU A 200 29.72 16.27 6.64
N ARG A 201 30.64 16.80 5.88
CA ARG A 201 30.34 16.94 4.49
C ARG A 201 30.96 15.79 3.71
N GLU A 202 30.12 14.88 3.23
CA GLU A 202 30.59 13.78 2.39
C GLU A 202 29.82 13.81 1.09
N ALA A 203 30.40 14.28 -0.01
CA ALA A 203 29.54 14.43 -1.20
C ALA A 203 30.23 14.07 -2.49
N PRO A 204 30.74 12.84 -2.57
CA PRO A 204 31.41 12.51 -3.80
C PRO A 204 30.40 12.55 -4.94
N ARG A 205 30.84 12.93 -6.15
CA ARG A 205 29.96 12.85 -7.36
C ARG A 205 30.16 11.55 -8.13
N LEU A 206 29.06 10.95 -8.57
CA LEU A 206 29.20 9.81 -9.47
C LEU A 206 28.94 10.29 -10.91
N GLU A 207 29.99 10.23 -11.74
CA GLU A 207 29.93 10.71 -13.09
C GLU A 207 30.87 9.95 -14.04
N SER A 208 30.36 9.60 -15.21
CA SER A 208 31.23 9.07 -16.27
C SER A 208 32.17 10.18 -16.81
N GLU A 209 33.33 9.81 -17.30
CA GLU A 209 34.25 10.75 -17.97
C GLU A 209 33.88 11.10 -19.41
N LYS A 210 34.42 12.22 -19.90
CA LYS A 210 34.35 12.63 -21.26
C LYS A 210 34.77 11.43 -22.15
N GLN A 211 33.99 11.12 -23.16
CA GLN A 211 34.33 10.10 -24.12
C GLN A 211 35.32 10.73 -25.12
N ARG A 212 36.58 10.30 -25.08
CA ARG A 212 37.59 10.93 -25.90
C ARG A 212 37.39 10.68 -27.39
N ASP A 213 36.61 9.66 -27.74
CA ASP A 213 36.42 9.36 -29.15
C ASP A 213 35.13 10.02 -29.69
N TRP A 214 34.62 11.00 -28.98
CA TRP A 214 33.40 11.64 -29.42
C TRP A 214 33.60 12.34 -30.78
N PHE A 215 34.80 12.88 -31.00
CA PHE A 215 35.04 13.65 -32.22
C PHE A 215 35.06 12.79 -33.47
N PHE A 216 35.34 11.51 -33.31
CA PHE A 216 35.08 10.55 -34.36
C PHE A 216 33.58 10.24 -34.53
N TRP A 217 32.93 9.79 -33.44
CA TRP A 217 31.54 9.26 -33.45
C TRP A 217 30.53 10.30 -33.90
N ARG A 218 30.71 11.53 -33.45
CA ARG A 218 29.88 12.63 -33.90
C ARG A 218 29.92 12.87 -35.41
N GLN A 219 30.82 12.25 -36.16
CA GLN A 219 30.78 12.39 -37.62
C GLN A 219 30.20 11.17 -38.35
N LYS A 220 29.66 10.22 -37.60
CA LYS A 220 29.07 9.05 -38.19
C LYS A 220 27.57 9.22 -38.38
N ARG A 221 26.95 8.18 -38.93
CA ARG A 221 25.51 8.22 -39.09
C ARG A 221 24.88 7.87 -37.75
N GLY A 222 24.50 8.89 -36.99
CA GLY A 222 23.87 8.62 -35.69
C GLY A 222 22.38 8.90 -35.65
N VAL A 223 21.73 8.34 -34.63
CA VAL A 223 20.36 8.67 -34.30
C VAL A 223 20.35 9.05 -32.83
N VAL A 224 19.55 10.05 -32.46
CA VAL A 224 19.32 10.45 -31.09
C VAL A 224 17.92 9.98 -30.62
N VAL A 225 17.85 9.26 -29.50
CA VAL A 225 16.56 8.90 -28.94
C VAL A 225 16.51 9.64 -27.62
N ALA A 226 15.47 10.46 -27.46
CA ALA A 226 15.34 11.28 -26.33
C ALA A 226 14.18 10.74 -25.46
N GLY A 227 14.51 10.25 -24.26
CA GLY A 227 13.52 9.74 -23.27
C GLY A 227 13.18 10.80 -22.23
N ARG A 228 12.94 10.36 -20.99
CA ARG A 228 12.51 11.23 -19.98
C ARG A 228 13.72 12.08 -19.54
N MET A 229 13.54 13.41 -19.53
CA MET A 229 14.59 14.36 -19.07
C MET A 229 13.86 15.64 -18.64
N SER A 230 14.60 16.64 -18.22
CA SER A 230 13.92 17.88 -17.79
C SER A 230 13.48 18.73 -19.01
N ALA A 231 12.54 19.63 -18.76
CA ALA A 231 12.03 20.51 -19.79
C ALA A 231 13.20 21.16 -20.51
N GLU A 232 14.16 21.61 -19.73
CA GLU A 232 15.26 22.39 -20.27
C GLU A 232 16.22 21.53 -21.10
N GLU A 233 16.42 20.30 -20.66
CA GLU A 233 17.26 19.36 -21.37
C GLU A 233 16.65 19.01 -22.73
N GLY A 234 15.33 18.84 -22.75
CA GLY A 234 14.65 18.51 -23.98
C GLY A 234 14.96 19.54 -25.07
N LYS A 235 14.90 20.83 -24.76
CA LYS A 235 15.22 21.83 -25.82
C LYS A 235 16.69 21.74 -26.26
N LYS A 236 17.55 21.50 -25.28
CA LYS A 236 18.95 21.35 -25.56
C LYS A 236 19.27 20.17 -26.43
N VAL A 237 18.63 19.03 -26.15
CA VAL A 237 18.79 17.88 -26.99
C VAL A 237 18.24 18.19 -28.41
N ALA A 238 17.11 18.91 -28.49
CA ALA A 238 16.57 19.26 -29.81
C ALA A 238 17.62 20.07 -30.63
N LEU A 239 18.19 21.12 -30.06
CA LEU A 239 19.28 21.89 -30.76
C LEU A 239 20.50 21.02 -31.17
N TRP A 240 20.99 20.23 -30.23
CA TRP A 240 22.17 19.40 -30.43
C TRP A 240 21.94 18.39 -31.55
N ALA A 241 20.79 17.73 -31.57
CA ALA A 241 20.60 16.79 -32.65
C ALA A 241 20.52 17.45 -34.03
N GLN A 242 19.85 18.60 -34.05
CA GLN A 242 19.61 19.35 -35.28
C GLN A 242 20.98 19.78 -35.83
N THR A 243 21.83 20.31 -34.96
CA THR A 243 23.17 20.65 -35.30
C THR A 243 23.94 19.46 -35.81
N LEU A 244 23.72 18.27 -35.24
CA LEU A 244 24.49 17.11 -35.64
C LEU A 244 24.04 16.68 -37.02
N GLY A 245 22.81 17.07 -37.39
CA GLY A 245 22.18 16.45 -38.56
C GLY A 245 21.63 15.03 -38.36
N TRP A 246 21.30 14.68 -37.12
CA TRP A 246 20.85 13.33 -36.84
C TRP A 246 19.34 13.35 -36.60
N PRO A 247 18.65 12.35 -37.15
CA PRO A 247 17.21 12.21 -36.82
C PRO A 247 17.04 12.15 -35.28
N LEU A 248 16.09 12.90 -34.72
CA LEU A 248 15.72 12.81 -33.31
C LEU A 248 14.34 12.09 -33.13
N ILE A 249 14.33 10.99 -32.39
CA ILE A 249 13.12 10.34 -31.94
C ILE A 249 12.88 10.75 -30.51
N GLY A 250 11.88 11.61 -30.33
CA GLY A 250 11.58 12.17 -29.02
C GLY A 250 10.30 11.62 -28.43
N ASP A 251 10.33 11.33 -27.14
CA ASP A 251 9.25 10.62 -26.48
C ASP A 251 8.32 11.69 -25.96
N VAL A 252 7.15 11.31 -25.48
CA VAL A 252 6.27 12.27 -24.92
C VAL A 252 6.91 12.81 -23.68
N LEU A 253 7.80 12.05 -23.05
CA LEU A 253 8.35 12.48 -21.80
C LEU A 253 9.55 13.38 -21.98
N SER A 254 10.01 13.57 -23.24
CA SER A 254 11.29 14.26 -23.54
C SER A 254 11.19 15.79 -23.66
N GLN A 255 10.00 16.32 -23.99
CA GLN A 255 9.92 17.81 -24.12
C GLN A 255 10.90 18.40 -25.16
N THR A 256 11.21 17.63 -26.22
CA THR A 256 12.09 18.06 -27.32
C THR A 256 11.31 18.82 -28.40
N GLY A 257 9.97 18.90 -28.26
CA GLY A 257 9.10 19.40 -29.34
C GLY A 257 8.82 18.36 -30.38
N GLN A 258 9.46 17.19 -30.29
CA GLN A 258 9.20 16.09 -31.22
C GLN A 258 9.32 16.49 -32.74
N PRO A 259 10.53 16.96 -33.18
CA PRO A 259 10.76 17.40 -34.57
C PRO A 259 10.39 16.40 -35.65
N LEU A 260 10.38 15.12 -35.28
CA LEU A 260 9.94 14.05 -36.15
C LEU A 260 8.74 13.30 -35.58
N PRO A 261 7.54 13.98 -35.50
CA PRO A 261 6.40 13.50 -34.74
C PRO A 261 5.82 12.21 -35.26
N CYS A 262 4.98 11.57 -34.46
CA CYS A 262 4.31 10.31 -34.83
C CYS A 262 5.27 9.18 -35.14
N ALA A 263 6.42 9.17 -34.45
CA ALA A 263 7.35 8.02 -34.48
C ALA A 263 6.71 6.65 -34.33
N ASP A 264 5.74 6.52 -33.43
CA ASP A 264 5.07 5.25 -33.22
C ASP A 264 4.38 4.74 -34.49
N LEU A 265 4.13 5.68 -35.40
CA LEU A 265 3.47 5.39 -36.67
C LEU A 265 4.60 5.16 -37.69
N TRP A 266 5.42 6.18 -37.89
CA TRP A 266 6.38 6.07 -38.96
C TRP A 266 7.51 5.04 -38.81
N LEU A 267 7.78 4.56 -37.59
CA LEU A 267 8.71 3.46 -37.42
C LEU A 267 8.14 2.17 -38.00
N GLY A 268 6.86 2.20 -38.37
CA GLY A 268 6.21 1.03 -39.02
C GLY A 268 6.57 0.92 -40.50
N ASN A 269 6.90 2.05 -41.13
CA ASN A 269 7.35 2.08 -42.51
C ASN A 269 8.70 1.44 -42.83
N ALA A 270 8.72 0.55 -43.83
CA ALA A 270 9.98 -0.12 -44.24
C ALA A 270 11.05 0.85 -44.82
N LYS A 271 10.60 1.98 -45.34
CA LYS A 271 11.51 3.01 -45.82
C LYS A 271 12.24 3.63 -44.64
N ALA A 272 11.50 3.94 -43.57
CA ALA A 272 12.06 4.46 -42.32
C ALA A 272 12.96 3.40 -41.65
N THR A 273 12.51 2.16 -41.51
CA THR A 273 13.39 1.10 -40.95
C THR A 273 14.73 0.94 -41.74
N SER A 274 14.71 1.19 -43.05
CA SER A 274 15.87 1.00 -43.90
C SER A 274 16.86 2.12 -43.77
N GLU A 275 16.36 3.35 -43.63
CA GLU A 275 17.29 4.45 -43.39
C GLU A 275 18.01 4.19 -42.07
N LEU A 276 17.23 3.75 -41.06
CA LEU A 276 17.75 3.58 -39.71
C LEU A 276 18.77 2.46 -39.61
N GLN A 277 18.65 1.44 -40.45
CA GLN A 277 19.67 0.36 -40.46
C GLN A 277 21.01 0.92 -40.87
N GLN A 278 21.03 2.10 -41.48
CA GLN A 278 22.31 2.65 -41.90
C GLN A 278 22.99 3.32 -40.70
N ALA A 279 22.30 3.35 -39.55
CA ALA A 279 22.76 4.05 -38.36
C ALA A 279 23.97 3.36 -37.80
N GLN A 280 25.06 4.09 -37.60
CA GLN A 280 26.31 3.51 -37.06
C GLN A 280 26.39 3.55 -35.53
N ILE A 281 25.73 4.54 -34.94
CA ILE A 281 25.69 4.73 -33.49
C ILE A 281 24.27 5.24 -33.07
N VAL A 282 23.73 4.75 -31.98
CA VAL A 282 22.51 5.37 -31.40
C VAL A 282 22.82 6.00 -30.05
N VAL A 283 22.49 7.27 -29.87
CA VAL A 283 22.80 7.95 -28.59
C VAL A 283 21.43 8.19 -27.97
N GLN A 284 21.12 7.42 -26.94
CA GLN A 284 19.86 7.51 -26.21
C GLN A 284 20.13 8.34 -24.97
N LEU A 285 19.41 9.46 -24.85
CA LEU A 285 19.50 10.31 -23.66
C LEU A 285 18.19 10.25 -22.83
N GLY A 286 18.25 9.88 -21.54
CA GLY A 286 17.02 9.69 -20.78
C GLY A 286 16.49 8.28 -21.01
N SER A 287 15.42 7.90 -20.32
CA SER A 287 15.02 6.51 -20.44
C SER A 287 13.53 6.35 -20.17
N SER A 288 13.07 5.12 -19.89
CA SER A 288 11.60 4.87 -19.89
C SER A 288 10.90 5.33 -21.22
N LEU A 289 11.32 4.77 -22.36
CA LEU A 289 10.68 5.05 -23.64
C LEU A 289 9.26 4.51 -23.55
N THR A 290 8.33 5.23 -24.16
CA THR A 290 6.88 4.97 -24.04
C THR A 290 6.33 4.07 -25.16
N GLY A 291 6.71 4.34 -26.41
CA GLY A 291 6.06 3.73 -27.52
C GLY A 291 6.46 2.30 -27.87
N LYS A 292 5.46 1.48 -28.13
CA LYS A 292 5.62 0.16 -28.69
C LYS A 292 6.54 0.14 -29.95
N ARG A 293 6.31 0.99 -30.97
CA ARG A 293 7.18 0.89 -32.16
C ARG A 293 8.62 1.26 -31.78
N LEU A 294 8.76 2.30 -30.96
CA LEU A 294 10.11 2.71 -30.54
C LEU A 294 10.79 1.61 -29.71
N LEU A 295 10.04 0.99 -28.80
CA LEU A 295 10.60 -0.14 -28.03
C LEU A 295 10.98 -1.34 -28.86
N GLN A 296 10.18 -1.65 -29.90
CA GLN A 296 10.56 -2.73 -30.84
C GLN A 296 11.77 -2.38 -31.67
N TRP A 297 11.81 -1.18 -32.21
CA TRP A 297 12.93 -0.75 -33.02
C TRP A 297 14.21 -0.76 -32.17
N GLN A 298 14.15 -0.16 -30.99
CA GLN A 298 15.30 -0.11 -30.12
C GLN A 298 15.84 -1.51 -29.90
N ALA A 299 14.94 -2.43 -29.57
CA ALA A 299 15.29 -3.84 -29.35
C ALA A 299 15.93 -4.56 -30.50
N SER A 300 15.79 -4.07 -31.72
CA SER A 300 16.19 -4.86 -32.87
C SER A 300 17.31 -4.16 -33.64
N CYS A 301 17.48 -2.87 -33.41
CA CYS A 301 18.47 -2.14 -34.16
C CYS A 301 19.83 -2.71 -33.84
N GLU A 302 20.77 -2.60 -34.78
CA GLU A 302 22.12 -3.07 -34.50
C GLU A 302 23.20 -2.10 -34.88
N PRO A 303 23.26 -0.93 -34.25
CA PRO A 303 24.32 0.05 -34.54
C PRO A 303 25.70 -0.53 -34.07
N GLU A 304 26.82 -0.03 -34.58
CA GLU A 304 28.14 -0.45 -34.04
C GLU A 304 28.10 -0.20 -32.52
N GLU A 305 27.62 0.98 -32.11
CA GLU A 305 27.48 1.26 -30.68
C GLU A 305 26.15 1.83 -30.27
N TYR A 306 25.77 1.49 -29.05
CA TYR A 306 24.53 1.96 -28.50
C TYR A 306 24.88 2.68 -27.21
N TRP A 307 24.53 3.97 -27.06
CA TRP A 307 24.91 4.70 -25.85
C TRP A 307 23.66 5.13 -25.14
N ILE A 308 23.63 4.89 -23.84
CA ILE A 308 22.61 5.54 -22.94
C ILE A 308 23.21 6.51 -21.90
N VAL A 309 22.88 7.78 -22.09
CA VAL A 309 23.26 8.82 -21.17
C VAL A 309 22.09 9.16 -20.26
N ASP A 310 22.28 9.11 -18.95
CA ASP A 310 21.18 9.40 -18.01
C ASP A 310 21.84 9.60 -16.67
N ASP A 311 21.22 10.42 -15.81
CA ASP A 311 21.79 10.61 -14.51
C ASP A 311 21.48 9.53 -13.51
N ILE A 312 20.79 8.48 -13.91
CA ILE A 312 20.55 7.34 -13.00
C ILE A 312 21.52 6.25 -13.38
N GLU A 313 21.80 5.39 -12.41
CA GLU A 313 22.81 4.37 -12.50
C GLU A 313 22.17 3.09 -12.99
N GLY A 314 23.03 2.16 -13.38
CA GLY A 314 22.57 0.88 -13.85
C GLY A 314 22.28 0.77 -15.34
N ARG A 315 21.95 -0.44 -15.75
CA ARG A 315 21.67 -0.78 -17.13
C ARG A 315 20.30 -0.26 -17.47
N LEU A 316 20.19 0.31 -18.66
CA LEU A 316 18.94 0.97 -19.01
C LEU A 316 18.47 0.47 -20.37
N ASP A 317 19.19 -0.54 -20.88
CA ASP A 317 18.92 -1.12 -22.21
C ASP A 317 18.45 -2.53 -22.01
N PRO A 318 17.12 -2.69 -22.07
CA PRO A 318 16.53 -4.01 -21.90
C PRO A 318 16.89 -4.98 -23.08
N ALA A 319 17.41 -4.46 -24.20
CA ALA A 319 17.91 -5.39 -25.22
C ALA A 319 19.42 -5.66 -25.13
N HIS A 320 20.12 -5.12 -24.13
CA HIS A 320 21.57 -5.49 -23.90
C HIS A 320 22.51 -5.36 -25.12
N HIS A 321 22.33 -4.28 -25.87
CA HIS A 321 23.35 -3.90 -26.89
C HIS A 321 24.75 -3.68 -26.37
N ARG A 322 25.73 -4.02 -27.22
CA ARG A 322 27.11 -3.65 -27.03
C ARG A 322 27.19 -2.12 -27.13
N GLY A 323 27.85 -1.50 -26.18
CA GLY A 323 27.92 -0.04 -26.24
C GLY A 323 28.32 0.56 -24.93
N ARG A 324 27.66 1.65 -24.57
CA ARG A 324 28.06 2.39 -23.42
C ARG A 324 26.86 2.80 -22.53
N ARG A 325 27.09 2.77 -21.22
CA ARG A 325 26.12 3.24 -20.25
C ARG A 325 26.79 4.42 -19.52
N LEU A 326 26.35 5.64 -19.83
CA LEU A 326 27.05 6.84 -19.34
C LEU A 326 26.26 7.58 -18.29
N ILE A 327 26.80 7.64 -17.07
CA ILE A 327 26.15 8.31 -15.98
C ILE A 327 26.43 9.85 -15.94
N ALA A 328 25.40 10.64 -16.12
CA ALA A 328 25.56 12.08 -16.22
C ALA A 328 24.27 12.86 -16.20
N ASN A 329 24.42 14.10 -15.72
CA ASN A 329 23.44 15.12 -16.00
C ASN A 329 23.53 15.34 -17.51
N ILE A 330 22.40 15.13 -18.15
CA ILE A 330 22.27 15.26 -19.58
C ILE A 330 22.76 16.59 -20.13
N ALA A 331 22.37 17.68 -19.51
CA ALA A 331 22.90 19.02 -19.92
C ALA A 331 24.45 19.14 -19.79
N ASP A 332 25.04 18.75 -18.65
CA ASP A 332 26.53 18.75 -18.58
C ASP A 332 27.09 17.89 -19.72
N TRP A 333 26.49 16.73 -19.91
CA TRP A 333 26.97 15.78 -20.92
C TRP A 333 27.04 16.40 -22.29
N LEU A 334 25.95 17.03 -22.72
CA LEU A 334 25.92 17.71 -24.06
C LEU A 334 27.01 18.77 -24.16
N GLU A 335 27.35 19.37 -23.04
CA GLU A 335 28.42 20.37 -22.91
C GLU A 335 29.76 19.75 -23.16
N LEU A 336 29.93 18.58 -22.56
CA LEU A 336 31.13 17.79 -22.70
C LEU A 336 31.23 17.17 -24.09
N HIS A 337 30.09 17.00 -24.77
CA HIS A 337 30.09 16.31 -26.07
C HIS A 337 29.36 17.18 -27.11
N PRO A 338 29.96 18.32 -27.43
CA PRO A 338 29.23 19.32 -28.19
C PRO A 338 29.04 18.91 -29.64
N ALA A 339 28.03 19.48 -30.29
CA ALA A 339 27.84 19.27 -31.72
C ALA A 339 28.54 20.28 -32.65
N GLU A 340 28.96 19.78 -33.81
CA GLU A 340 29.32 20.58 -34.96
C GLU A 340 28.30 20.38 -36.06
N LYS A 341 27.85 21.48 -36.67
CA LYS A 341 27.03 21.47 -37.87
C LYS A 341 27.52 20.46 -38.91
N ARG A 342 26.62 19.58 -39.30
CA ARG A 342 26.83 18.59 -40.32
C ARG A 342 25.49 18.47 -40.99
N GLN A 343 25.50 18.32 -42.32
CA GLN A 343 24.27 18.15 -43.09
C GLN A 343 23.50 16.89 -42.65
N PRO A 344 22.15 16.93 -42.58
CA PRO A 344 21.39 15.70 -42.22
C PRO A 344 21.66 14.48 -43.10
N TRP A 345 21.83 13.29 -42.53
CA TRP A 345 22.04 12.13 -43.40
C TRP A 345 20.74 11.39 -43.74
N CYS A 346 19.65 11.80 -43.14
CA CYS A 346 18.40 11.13 -43.37
C CYS A 346 17.59 11.96 -44.36
N VAL A 347 17.01 11.27 -45.32
CA VAL A 347 16.34 11.93 -46.42
C VAL A 347 14.85 11.58 -46.40
N GLU A 348 14.56 10.30 -46.26
CA GLU A 348 13.17 9.86 -46.28
C GLU A 348 12.39 10.06 -44.98
N ILE A 349 13.04 9.85 -43.83
CA ILE A 349 12.37 9.97 -42.53
C ILE A 349 11.62 11.28 -42.31
N PRO A 350 12.29 12.44 -42.52
CA PRO A 350 11.62 13.73 -42.27
C PRO A 350 10.32 13.91 -43.08
N ARG A 351 10.24 13.31 -44.28
CA ARG A 351 8.98 13.26 -45.10
C ARG A 351 7.89 12.39 -44.49
N LEU A 352 8.23 11.12 -44.22
CA LEU A 352 7.32 10.17 -43.60
C LEU A 352 6.71 10.71 -42.31
N ALA A 353 7.47 11.49 -41.56
CA ALA A 353 7.04 12.05 -40.28
C ALA A 353 5.87 13.00 -40.55
N GLU A 354 6.11 14.00 -41.40
CA GLU A 354 5.11 14.98 -41.90
C GLU A 354 3.80 14.33 -42.38
N GLN A 355 3.98 13.33 -43.22
CA GLN A 355 2.92 12.55 -43.81
C GLN A 355 2.15 11.86 -42.69
N ALA A 356 2.86 11.34 -41.67
CA ALA A 356 2.16 10.68 -40.56
C ALA A 356 1.33 11.64 -39.73
N MET A 357 1.85 12.86 -39.53
CA MET A 357 1.09 13.87 -38.76
C MET A 357 -0.16 14.31 -39.56
N GLN A 358 -0.01 14.46 -40.88
CA GLN A 358 -1.14 14.74 -41.79
C GLN A 358 -2.23 13.65 -41.73
N ALA A 359 -1.81 12.39 -41.72
CA ALA A 359 -2.74 11.30 -41.57
C ALA A 359 -3.60 11.36 -40.29
N VAL A 360 -2.95 11.67 -39.15
CA VAL A 360 -3.64 11.79 -37.84
C VAL A 360 -4.59 12.96 -37.89
N ILE A 361 -4.14 14.08 -38.45
CA ILE A 361 -4.96 15.25 -38.66
C ILE A 361 -6.24 15.02 -39.50
N ALA A 362 -6.14 14.23 -40.58
CA ALA A 362 -7.33 13.81 -41.33
C ALA A 362 -8.32 13.01 -40.44
N ARG A 363 -7.98 12.86 -39.17
CA ARG A 363 -8.74 12.03 -38.24
C ARG A 363 -9.09 12.73 -36.94
N ARG A 364 -8.92 14.04 -36.87
CA ARG A 364 -9.00 14.74 -35.58
C ARG A 364 -10.39 14.88 -34.93
N ASP A 365 -11.43 14.40 -35.62
CA ASP A 365 -12.82 14.80 -35.31
C ASP A 365 -13.73 13.93 -34.44
N ALA A 366 -13.74 12.62 -34.66
CA ALA A 366 -14.57 11.71 -33.88
C ALA A 366 -14.29 11.98 -32.40
N PHE A 367 -15.32 12.12 -31.58
CA PHE A 367 -15.12 12.49 -30.21
C PHE A 367 -14.65 11.26 -29.43
N GLY A 368 -13.36 10.97 -29.53
CA GLY A 368 -12.78 9.84 -28.81
C GLY A 368 -11.43 10.09 -28.15
N GLU A 369 -10.94 9.02 -27.56
CA GLU A 369 -9.66 8.91 -26.87
C GLU A 369 -8.44 9.33 -27.71
N ALA A 370 -8.35 8.76 -28.90
CA ALA A 370 -7.24 8.97 -29.81
C ALA A 370 -7.21 10.44 -30.24
N GLN A 371 -8.40 11.02 -30.42
CA GLN A 371 -8.57 12.36 -30.88
C GLN A 371 -8.30 13.40 -29.79
N LEU A 372 -8.61 13.03 -28.56
CA LEU A 372 -8.30 13.87 -27.41
C LEU A 372 -6.81 13.87 -27.23
N ALA A 373 -6.23 12.69 -27.37
CA ALA A 373 -4.79 12.52 -27.35
C ALA A 373 -4.09 13.34 -28.45
N HIS A 374 -4.69 13.40 -29.64
CA HIS A 374 -4.09 14.14 -30.75
C HIS A 374 -4.14 15.65 -30.49
N ARG A 375 -5.24 16.12 -29.91
CA ARG A 375 -5.53 17.54 -29.73
C ARG A 375 -5.04 18.06 -28.37
N ILE A 376 -4.41 17.18 -27.61
CA ILE A 376 -4.11 17.52 -26.24
C ILE A 376 -3.33 18.82 -26.14
N CYS A 377 -2.45 19.07 -27.07
CA CYS A 377 -1.66 20.25 -26.89
C CYS A 377 -2.41 21.56 -27.05
N ASP A 378 -3.63 21.49 -27.55
CA ASP A 378 -4.59 22.61 -27.49
C ASP A 378 -5.16 22.91 -26.12
N TYR A 379 -5.20 21.94 -25.21
CA TYR A 379 -5.77 22.19 -23.88
C TYR A 379 -4.72 22.37 -22.80
N LEU A 380 -3.46 22.29 -23.16
CA LEU A 380 -2.41 22.58 -22.16
C LEU A 380 -2.50 24.01 -21.51
N PRO A 381 -2.49 24.12 -20.15
CA PRO A 381 -2.47 25.45 -19.52
C PRO A 381 -1.24 26.25 -19.88
N GLU A 382 -1.45 27.53 -20.18
CA GLU A 382 -0.36 28.48 -20.41
C GLU A 382 0.58 28.55 -19.19
N GLN A 383 1.89 28.45 -19.42
CA GLN A 383 2.91 28.38 -18.33
C GLN A 383 2.56 27.29 -17.32
N GLY A 384 1.96 26.20 -17.80
CA GLY A 384 1.57 25.12 -16.91
C GLY A 384 2.53 23.96 -17.07
N GLN A 385 2.11 22.80 -16.58
CA GLN A 385 2.88 21.55 -16.71
C GLN A 385 1.81 20.50 -16.92
N LEU A 386 2.19 19.39 -17.53
CA LEU A 386 1.33 18.22 -17.80
C LEU A 386 1.79 17.01 -16.95
N PHE A 387 0.85 16.32 -16.33
CA PHE A 387 1.15 15.08 -15.64
C PHE A 387 0.34 14.03 -16.34
N VAL A 388 0.98 12.93 -16.64
CA VAL A 388 0.45 11.96 -17.56
C VAL A 388 0.57 10.59 -16.87
N GLY A 389 -0.57 9.89 -16.76
CA GLY A 389 -0.61 8.58 -16.13
C GLY A 389 -0.08 7.43 -16.97
N ASN A 390 -0.50 6.22 -16.60
CA ASN A 390 0.01 5.00 -17.20
C ASN A 390 -1.01 4.25 -18.02
N SER A 391 -1.55 4.90 -19.07
CA SER A 391 -2.77 4.42 -19.73
C SER A 391 -2.57 4.32 -21.23
N LEU A 392 -3.58 3.85 -21.95
CA LEU A 392 -3.49 3.82 -23.42
C LEU A 392 -3.34 5.25 -23.90
N VAL A 393 -4.18 6.09 -23.28
CA VAL A 393 -4.31 7.49 -23.62
C VAL A 393 -2.97 8.22 -23.66
N VAL A 394 -2.04 7.83 -22.81
CA VAL A 394 -0.77 8.44 -22.94
C VAL A 394 0.19 7.83 -23.98
N ARG A 395 0.09 6.53 -24.26
CA ARG A 395 0.71 6.04 -25.48
C ARG A 395 0.09 6.76 -26.71
N LEU A 396 -1.20 7.00 -26.71
CA LEU A 396 -1.78 7.77 -27.81
C LEU A 396 -1.30 9.21 -27.95
N ILE A 397 -1.10 9.94 -26.85
CA ILE A 397 -0.43 11.26 -26.93
C ILE A 397 0.97 11.10 -27.49
N ASP A 398 1.72 10.08 -27.02
CA ASP A 398 3.04 9.88 -27.57
C ASP A 398 3.02 9.60 -29.08
N ALA A 399 2.04 8.80 -29.54
CA ALA A 399 1.94 8.39 -30.93
C ALA A 399 1.36 9.50 -31.82
N LEU A 400 0.39 10.25 -31.30
CA LEU A 400 -0.45 11.08 -32.21
C LEU A 400 -0.34 12.55 -32.00
N SER A 401 0.39 12.96 -30.97
CA SER A 401 0.50 14.38 -30.68
C SER A 401 1.93 14.90 -30.88
N GLN A 402 2.09 16.22 -30.96
CA GLN A 402 3.41 16.79 -30.96
C GLN A 402 3.47 17.85 -29.90
N LEU A 403 4.03 17.49 -28.74
CA LEU A 403 4.08 18.42 -27.62
C LEU A 403 5.16 19.46 -27.76
N PRO A 404 4.91 20.65 -27.20
CA PRO A 404 5.83 21.75 -27.44
C PRO A 404 7.14 21.59 -26.70
N ALA A 405 8.24 21.87 -27.38
CA ALA A 405 9.53 21.86 -26.76
C ALA A 405 9.55 22.66 -25.48
N GLY A 406 10.01 22.06 -24.38
CA GLY A 406 10.23 22.86 -23.19
C GLY A 406 9.01 22.94 -22.30
N TYR A 407 7.89 22.43 -22.76
CA TYR A 407 6.70 22.36 -21.89
C TYR A 407 6.77 21.20 -20.85
N PRO A 408 6.60 21.50 -19.54
CA PRO A 408 6.96 20.44 -18.59
C PRO A 408 6.00 19.27 -18.60
N VAL A 409 6.59 18.06 -18.66
CA VAL A 409 5.82 16.85 -18.55
C VAL A 409 6.38 16.02 -17.39
N TYR A 410 5.48 15.53 -16.55
CA TYR A 410 5.83 14.65 -15.47
C TYR A 410 5.04 13.36 -15.54
N SER A 411 5.60 12.30 -14.93
CA SER A 411 4.94 11.00 -14.88
C SER A 411 5.55 10.03 -13.80
N ASN A 412 4.99 8.85 -13.70
CA ASN A 412 5.52 7.74 -12.88
C ASN A 412 5.80 6.53 -13.71
N ARG A 413 6.89 6.59 -14.47
CA ARG A 413 7.16 5.63 -15.52
C ARG A 413 8.37 4.78 -15.11
N GLY A 414 8.64 4.79 -13.81
CA GLY A 414 9.67 3.91 -13.26
C GLY A 414 9.17 2.47 -13.39
N ALA A 415 8.25 2.08 -12.51
CA ALA A 415 7.58 0.79 -12.65
C ALA A 415 6.16 1.01 -13.20
N SER A 416 5.79 2.26 -13.46
CA SER A 416 4.48 2.52 -14.04
C SER A 416 3.33 1.98 -13.18
N GLY A 417 3.42 2.12 -11.87
CA GLY A 417 2.30 1.76 -10.97
C GLY A 417 1.07 2.58 -11.34
N ILE A 418 -0.14 2.04 -11.10
CA ILE A 418 -1.31 2.87 -11.35
C ILE A 418 -1.94 3.15 -10.00
N ASP A 419 -1.16 2.93 -8.96
CA ASP A 419 -1.64 3.10 -7.60
C ASP A 419 -1.42 4.49 -6.95
N GLY A 420 -0.72 5.41 -7.62
CA GLY A 420 -0.52 6.66 -6.95
C GLY A 420 -0.63 7.86 -7.80
N LEU A 421 -1.48 7.84 -8.82
CA LEU A 421 -1.33 8.86 -9.80
C LEU A 421 -1.91 10.18 -9.34
N LEU A 422 -2.97 10.14 -8.56
CA LEU A 422 -3.56 11.42 -8.17
C LEU A 422 -2.77 12.13 -7.10
N SER A 423 -2.31 11.38 -6.09
CA SER A 423 -1.51 11.97 -5.04
C SER A 423 -0.19 12.44 -5.65
N THR A 424 0.31 11.69 -6.61
CA THR A 424 1.50 12.13 -7.29
C THR A 424 1.23 13.45 -7.93
N ALA A 425 0.18 13.52 -8.75
CA ALA A 425 -0.16 14.80 -9.43
C ALA A 425 -0.33 15.95 -8.47
N ALA A 426 -0.89 15.64 -7.29
CA ALA A 426 -1.03 16.63 -6.24
C ALA A 426 0.38 17.14 -5.79
N GLY A 427 1.37 16.27 -5.65
CA GLY A 427 2.73 16.72 -5.27
C GLY A 427 3.36 17.47 -6.41
N VAL A 428 3.12 16.99 -7.62
CA VAL A 428 3.69 17.66 -8.79
C VAL A 428 3.20 19.13 -8.82
N GLN A 429 1.88 19.32 -8.73
CA GLN A 429 1.27 20.68 -8.74
C GLN A 429 1.73 21.60 -7.55
N ARG A 430 1.82 21.04 -6.35
CA ARG A 430 2.25 21.83 -5.19
C ARG A 430 3.67 22.31 -5.28
N ALA A 431 4.58 21.43 -5.72
CA ALA A 431 6.00 21.82 -5.76
C ALA A 431 6.23 23.05 -6.63
N SER A 432 5.58 23.11 -7.79
CA SER A 432 5.89 24.18 -8.72
C SER A 432 4.91 25.36 -8.62
N GLY A 433 3.71 25.11 -8.07
CA GLY A 433 2.60 26.09 -8.05
C GLY A 433 1.97 26.32 -9.39
N LYS A 434 2.24 25.48 -10.35
CA LYS A 434 1.79 25.76 -11.71
C LYS A 434 0.41 25.21 -11.97
N PRO A 435 -0.34 25.85 -12.88
CA PRO A 435 -1.60 25.14 -13.24
C PRO A 435 -1.27 23.85 -14.00
N THR A 436 -2.09 22.85 -13.79
CA THR A 436 -1.72 21.49 -14.13
C THR A 436 -2.85 20.76 -14.79
N LEU A 437 -2.52 20.10 -15.89
CA LEU A 437 -3.33 19.08 -16.53
C LEU A 437 -2.81 17.68 -16.20
N ALA A 438 -3.59 16.89 -15.46
CA ALA A 438 -3.27 15.51 -15.21
C ALA A 438 -4.25 14.63 -15.96
N ILE A 439 -3.72 13.68 -16.74
CA ILE A 439 -4.50 12.75 -17.57
C ILE A 439 -4.29 11.30 -17.07
N VAL A 440 -5.40 10.65 -16.74
CA VAL A 440 -5.42 9.41 -15.98
C VAL A 440 -6.61 8.52 -16.54
N GLY A 441 -6.53 7.19 -16.39
CA GLY A 441 -7.66 6.32 -16.75
C GLY A 441 -8.57 6.15 -15.56
N ASP A 442 -9.74 5.54 -15.71
CA ASP A 442 -10.66 5.35 -14.56
C ASP A 442 -10.11 4.39 -13.52
N LEU A 443 -9.41 3.33 -13.87
CA LEU A 443 -8.91 2.47 -12.79
C LEU A 443 -7.93 3.17 -11.90
N SER A 444 -7.12 4.06 -12.45
CA SER A 444 -6.09 4.78 -11.66
C SER A 444 -6.76 5.74 -10.69
N ALA A 445 -7.96 6.19 -11.08
CA ALA A 445 -8.71 7.19 -10.37
C ALA A 445 -9.41 6.49 -9.27
N LEU A 446 -9.92 5.29 -9.54
CA LEU A 446 -10.53 4.51 -8.51
C LEU A 446 -9.48 4.03 -7.51
N TYR A 447 -8.33 3.58 -8.05
CA TYR A 447 -7.21 3.16 -7.19
C TYR A 447 -6.86 4.21 -6.09
N ASP A 448 -6.66 5.45 -6.53
CA ASP A 448 -6.20 6.52 -5.65
C ASP A 448 -7.35 7.50 -5.32
N LEU A 449 -8.57 6.96 -5.28
CA LEU A 449 -9.79 7.77 -5.12
C LEU A 449 -9.69 8.79 -3.96
N ASN A 450 -9.17 8.33 -2.83
CA ASN A 450 -9.08 9.19 -1.67
C ASN A 450 -8.02 10.26 -1.80
N ALA A 451 -7.20 10.24 -2.84
CA ALA A 451 -6.27 11.36 -3.03
C ALA A 451 -7.06 12.57 -3.54
N LEU A 452 -8.34 12.37 -3.84
CA LEU A 452 -9.18 13.54 -4.17
C LEU A 452 -9.20 14.54 -3.03
N ALA A 453 -9.19 14.07 -1.78
CA ALA A 453 -8.91 15.00 -0.62
C ALA A 453 -7.69 15.89 -0.83
N LEU A 454 -6.58 15.27 -1.23
CA LEU A 454 -5.43 16.09 -1.57
C LEU A 454 -5.72 17.10 -2.66
N LEU A 455 -6.51 16.73 -3.69
CA LEU A 455 -6.62 17.59 -4.89
C LEU A 455 -7.51 18.80 -4.66
N ARG A 456 -8.27 18.76 -3.57
CA ARG A 456 -9.03 19.94 -3.10
C ARG A 456 -8.13 21.13 -2.85
N GLN A 457 -6.89 20.86 -2.46
CA GLN A 457 -6.06 21.90 -1.93
C GLN A 457 -4.93 22.27 -2.87
N VAL A 458 -5.24 22.51 -4.12
CA VAL A 458 -4.18 22.81 -5.06
C VAL A 458 -3.93 24.32 -5.07
N SER A 459 -2.73 24.76 -5.43
CA SER A 459 -2.35 26.18 -5.37
C SER A 459 -2.55 26.92 -6.74
N ALA A 460 -2.93 26.15 -7.75
CA ALA A 460 -3.32 26.67 -9.03
C ALA A 460 -4.38 25.72 -9.54
N PRO A 461 -5.12 26.11 -10.61
CA PRO A 461 -6.07 25.18 -11.19
C PRO A 461 -5.41 23.88 -11.65
N LEU A 462 -6.05 22.79 -11.27
CA LEU A 462 -5.67 21.53 -11.76
C LEU A 462 -6.87 20.91 -12.43
N VAL A 463 -6.69 20.50 -13.68
CA VAL A 463 -7.67 19.67 -14.35
C VAL A 463 -7.27 18.18 -14.31
N LEU A 464 -8.11 17.38 -13.67
CA LEU A 464 -7.99 15.93 -13.73
C LEU A 464 -8.91 15.42 -14.84
N ILE A 465 -8.35 15.01 -15.98
CA ILE A 465 -9.14 14.33 -17.00
C ILE A 465 -9.19 12.83 -16.70
N VAL A 466 -10.39 12.29 -16.46
CA VAL A 466 -10.45 10.85 -16.24
C VAL A 466 -11.01 10.20 -17.53
N VAL A 467 -10.14 9.50 -18.26
CA VAL A 467 -10.61 8.75 -19.40
C VAL A 467 -11.25 7.44 -18.92
N ASN A 468 -12.57 7.35 -19.05
CA ASN A 468 -13.36 6.27 -18.47
C ASN A 468 -13.84 5.37 -19.56
N ASN A 469 -13.30 4.17 -19.63
CA ASN A 469 -13.89 3.12 -20.48
C ASN A 469 -14.47 1.90 -19.75
N ASN A 470 -14.72 2.06 -18.44
CA ASN A 470 -15.70 1.27 -17.65
C ASN A 470 -15.47 -0.24 -17.37
N GLY A 471 -14.23 -0.66 -17.12
CA GLY A 471 -13.06 0.20 -17.13
C GLY A 471 -11.92 -0.45 -17.89
N TYR A 489 -25.60 -10.04 -4.23
CA TYR A 489 -24.83 -9.81 -5.41
C TYR A 489 -25.66 -8.92 -6.34
N LEU A 490 -25.02 -8.18 -7.23
CA LEU A 490 -25.72 -7.25 -8.10
C LEU A 490 -25.14 -7.28 -9.49
N MET A 491 -25.86 -6.79 -10.48
CA MET A 491 -25.27 -6.68 -11.80
C MET A 491 -24.17 -5.67 -11.73
N PRO A 492 -23.06 -5.91 -12.39
CA PRO A 492 -22.00 -4.87 -12.37
C PRO A 492 -22.57 -3.50 -12.69
N GLN A 493 -21.96 -2.43 -12.16
CA GLN A 493 -22.42 -1.07 -12.48
C GLN A 493 -21.37 -0.39 -13.38
N ASN A 494 -21.74 0.72 -13.96
CA ASN A 494 -20.79 1.53 -14.67
C ASN A 494 -20.46 2.72 -13.79
N VAL A 495 -19.29 2.72 -13.20
CA VAL A 495 -18.94 3.77 -12.29
C VAL A 495 -18.66 5.10 -12.96
N HIS A 496 -19.06 6.16 -12.32
CA HIS A 496 -18.70 7.50 -12.71
C HIS A 496 -18.17 8.28 -11.53
N PHE A 497 -17.66 9.47 -11.78
CA PHE A 497 -16.88 10.26 -10.81
C PHE A 497 -17.54 11.59 -10.38
N GLU A 498 -18.76 11.79 -10.86
CA GLU A 498 -19.61 12.85 -10.38
C GLU A 498 -19.80 12.86 -8.86
N HIS A 499 -20.18 11.74 -8.24
CA HIS A 499 -20.35 11.77 -6.80
C HIS A 499 -18.97 11.92 -6.10
N ALA A 500 -17.96 11.27 -6.65
CA ALA A 500 -16.61 11.41 -6.09
C ALA A 500 -16.22 12.87 -6.02
N ALA A 501 -16.38 13.58 -7.15
CA ALA A 501 -16.06 14.98 -7.16
C ALA A 501 -16.87 15.67 -6.07
N ALA A 502 -18.19 15.43 -6.05
CA ALA A 502 -19.04 16.15 -5.10
C ALA A 502 -18.56 15.91 -3.71
N MET A 503 -18.10 14.68 -3.46
CA MET A 503 -17.82 14.29 -2.06
C MET A 503 -16.71 15.14 -1.50
N PHE A 504 -15.86 15.61 -2.42
CA PHE A 504 -14.72 16.42 -2.06
C PHE A 504 -14.84 17.87 -2.52
N GLU A 505 -16.04 18.30 -2.90
CA GLU A 505 -16.25 19.67 -3.22
C GLU A 505 -15.39 20.14 -4.37
N LEU A 506 -15.24 19.25 -5.35
CA LEU A 506 -14.52 19.60 -6.56
C LEU A 506 -15.49 19.87 -7.72
N LYS A 507 -15.02 20.59 -8.73
CA LYS A 507 -15.83 20.86 -9.87
C LYS A 507 -15.84 19.60 -10.78
N TYR A 508 -16.91 19.39 -11.57
CA TYR A 508 -17.06 18.16 -12.32
C TYR A 508 -17.70 18.45 -13.67
N HIS A 509 -17.13 17.90 -14.75
CA HIS A 509 -17.83 17.98 -16.04
C HIS A 509 -17.78 16.67 -16.75
N ARG A 510 -18.90 16.30 -17.39
CA ARG A 510 -18.87 15.14 -18.28
C ARG A 510 -19.17 15.62 -19.70
N PRO A 511 -18.18 16.24 -20.39
CA PRO A 511 -18.51 16.74 -21.75
C PRO A 511 -18.87 15.63 -22.74
N GLN A 512 -19.77 15.96 -23.67
CA GLN A 512 -20.30 15.01 -24.67
C GLN A 512 -19.70 15.27 -26.07
N ASN A 513 -19.01 16.40 -26.22
CA ASN A 513 -18.50 16.84 -27.50
C ASN A 513 -17.45 17.89 -27.28
N TRP A 514 -16.73 18.22 -28.34
CA TRP A 514 -15.63 19.16 -28.26
C TRP A 514 -16.07 20.52 -27.71
N GLN A 515 -17.23 21.04 -28.11
CA GLN A 515 -17.71 22.31 -27.56
C GLN A 515 -17.82 22.23 -26.02
N GLU A 516 -18.42 21.16 -25.52
CA GLU A 516 -18.54 21.02 -24.07
C GLU A 516 -17.19 20.86 -23.36
N LEU A 517 -16.22 20.24 -24.02
CA LEU A 517 -14.90 20.04 -23.45
C LEU A 517 -14.12 21.32 -23.40
N GLU A 518 -14.16 22.08 -24.49
CA GLU A 518 -13.49 23.35 -24.55
C GLU A 518 -14.08 24.29 -23.53
N THR A 519 -15.39 24.20 -23.34
CA THR A 519 -16.09 24.97 -22.30
C THR A 519 -15.65 24.56 -20.91
N ALA A 520 -15.71 23.26 -20.63
CA ALA A 520 -15.34 22.72 -19.36
C ALA A 520 -13.91 23.16 -18.98
N PHE A 521 -13.03 23.22 -19.98
CA PHE A 521 -11.63 23.61 -19.79
C PHE A 521 -11.48 25.08 -19.34
N ALA A 522 -12.20 26.00 -20.01
CA ALA A 522 -12.25 27.45 -19.65
C ALA A 522 -12.70 27.75 -18.23
N ASP A 523 -13.84 27.19 -17.82
CA ASP A 523 -14.33 27.26 -16.43
C ASP A 523 -13.29 26.66 -15.49
N ALA A 524 -12.68 25.55 -15.90
CA ALA A 524 -11.67 24.89 -15.06
C ALA A 524 -10.46 25.76 -14.79
N TRP A 525 -9.94 26.41 -15.84
CA TRP A 525 -8.72 27.22 -15.72
C TRP A 525 -8.92 28.54 -14.96
N ARG A 526 -10.14 28.78 -14.45
CA ARG A 526 -10.40 30.04 -13.71
C ARG A 526 -9.99 30.03 -12.20
N THR A 527 -10.62 29.22 -11.34
CA THR A 527 -10.22 29.21 -9.91
C THR A 527 -9.19 28.16 -9.61
N PRO A 528 -8.40 28.37 -8.54
CA PRO A 528 -7.53 27.27 -8.10
C PRO A 528 -8.27 26.23 -7.26
N THR A 529 -8.82 25.26 -7.96
CA THR A 529 -9.07 23.95 -7.40
C THR A 529 -9.05 22.98 -8.57
N THR A 530 -9.52 21.78 -8.28
CA THR A 530 -9.45 20.71 -9.18
C THR A 530 -10.79 20.62 -9.76
N THR A 531 -10.79 20.47 -11.09
CA THR A 531 -11.99 20.14 -11.87
C THR A 531 -11.73 18.78 -12.44
N VAL A 532 -12.62 17.86 -12.10
CA VAL A 532 -12.62 16.56 -12.72
C VAL A 532 -13.38 16.61 -14.06
N ILE A 533 -12.74 16.27 -15.17
CA ILE A 533 -13.42 16.20 -16.45
C ILE A 533 -13.50 14.73 -16.85
N GLU A 534 -14.69 14.17 -16.87
CA GLU A 534 -14.80 12.77 -17.17
C GLU A 534 -15.19 12.54 -18.61
N MET A 535 -14.33 11.81 -19.33
CA MET A 535 -14.46 11.56 -20.76
C MET A 535 -14.79 10.07 -20.90
N VAL A 536 -16.06 9.77 -21.13
CA VAL A 536 -16.47 8.39 -21.21
C VAL A 536 -16.11 7.95 -22.60
N VAL A 537 -15.40 6.84 -22.70
CA VAL A 537 -15.07 6.28 -23.98
C VAL A 537 -15.27 4.75 -23.99
N ASN A 538 -14.97 4.19 -25.16
CA ASN A 538 -15.03 2.78 -25.52
C ASN A 538 -13.80 2.06 -25.06
N ASP A 539 -13.88 0.74 -24.94
CA ASP A 539 -12.64 -0.03 -24.71
C ASP A 539 -11.98 -0.48 -26.01
N THR A 540 -12.37 0.10 -27.14
CA THR A 540 -11.72 -0.27 -28.40
C THR A 540 -11.44 0.83 -29.41
N ASP A 541 -12.07 2.00 -29.34
CA ASP A 541 -11.86 2.98 -30.42
C ASP A 541 -10.44 3.49 -30.54
N GLY A 542 -9.83 3.89 -29.40
CA GLY A 542 -8.46 4.39 -29.35
C GLY A 542 -7.44 3.38 -29.85
N ALA A 543 -7.37 2.19 -29.23
CA ALA A 543 -6.45 1.14 -29.70
C ALA A 543 -6.64 0.99 -31.21
N GLN A 544 -7.89 0.80 -31.58
CA GLN A 544 -8.27 0.61 -32.96
C GLN A 544 -7.80 1.74 -33.87
N THR A 545 -8.02 2.99 -33.49
CA THR A 545 -7.54 4.10 -34.31
C THR A 545 -5.99 4.12 -34.44
N LEU A 546 -5.30 3.75 -33.35
CA LEU A 546 -3.86 3.70 -33.36
C LEU A 546 -3.45 2.71 -34.46
N GLN A 547 -4.03 1.52 -34.44
CA GLN A 547 -3.67 0.46 -35.41
C GLN A 547 -3.94 0.88 -36.86
N GLN A 548 -5.01 1.62 -37.09
CA GLN A 548 -5.37 2.04 -38.43
C GLN A 548 -4.36 3.01 -39.00
N LEU A 549 -3.97 3.98 -38.19
CA LEU A 549 -2.98 4.97 -38.60
C LEU A 549 -1.62 4.35 -38.81
N LEU A 550 -1.36 3.24 -38.11
CA LEU A 550 -0.08 2.60 -38.17
C LEU A 550 0.00 1.86 -39.53
N ALA A 551 -1.03 1.08 -39.85
CA ALA A 551 -1.14 0.47 -41.21
C ALA A 551 -1.12 1.52 -42.34
N GLN A 552 -1.89 2.57 -42.15
CA GLN A 552 -1.90 3.67 -43.14
C GLN A 552 -0.49 4.22 -43.41
N VAL A 553 0.19 4.55 -42.33
CA VAL A 553 1.56 5.03 -42.38
C VAL A 553 2.53 3.98 -42.86
N SER A 554 2.38 2.73 -42.45
CA SER A 554 3.24 1.62 -42.92
C SER A 554 3.22 1.49 -44.45
N HIS A 555 2.33 2.21 -45.08
CA HIS A 555 2.05 2.05 -46.47
C HIS A 555 2.36 3.22 -47.30
N LEU A 556 3.14 4.11 -46.76
CA LEU A 556 3.15 5.45 -47.22
C LEU A 556 4.51 5.89 -47.64
N SER B 2 6.95 -23.85 -28.53
CA SER B 2 6.12 -22.79 -27.88
C SER B 2 6.43 -22.58 -26.40
N VAL B 3 7.08 -21.46 -26.15
CA VAL B 3 7.38 -20.99 -24.79
C VAL B 3 6.05 -20.75 -24.04
N SER B 4 5.18 -20.02 -24.70
CA SER B 4 3.83 -19.70 -24.21
C SER B 4 3.04 -20.92 -23.72
N ALA B 5 3.11 -22.04 -24.45
CA ALA B 5 2.24 -23.16 -24.13
C ALA B 5 2.72 -23.86 -22.86
N PHE B 6 4.05 -23.95 -22.74
CA PHE B 6 4.68 -24.45 -21.56
C PHE B 6 4.56 -23.53 -20.32
N ASN B 7 4.70 -22.23 -20.49
CA ASN B 7 4.44 -21.30 -19.38
C ASN B 7 3.02 -21.54 -18.79
N ARG B 8 2.01 -21.77 -19.63
CA ARG B 8 0.62 -22.07 -19.11
C ARG B 8 0.64 -23.32 -18.27
N ARG B 9 1.41 -24.33 -18.68
CA ARG B 9 1.37 -25.61 -17.98
C ARG B 9 2.12 -25.57 -16.63
N TRP B 10 3.29 -24.92 -16.60
CA TRP B 10 4.00 -24.59 -15.36
C TRP B 10 3.01 -23.88 -14.37
N ALA B 11 2.45 -22.73 -14.77
CA ALA B 11 1.37 -22.05 -14.01
C ALA B 11 0.23 -23.06 -13.58
N ALA B 12 -0.23 -23.86 -14.55
CA ALA B 12 -1.22 -24.93 -14.23
C ALA B 12 -0.86 -25.79 -13.06
N VAL B 13 0.36 -26.32 -13.09
CA VAL B 13 0.85 -27.15 -12.01
C VAL B 13 0.91 -26.41 -10.68
N ILE B 14 1.41 -25.16 -10.69
CA ILE B 14 1.44 -24.36 -9.46
C ILE B 14 0.02 -24.31 -8.82
N LEU B 15 -0.98 -24.01 -9.62
CA LEU B 15 -2.31 -23.78 -9.08
C LEU B 15 -2.95 -25.04 -8.56
N GLU B 16 -2.74 -26.14 -9.26
CA GLU B 16 -3.34 -27.43 -8.90
C GLU B 16 -2.69 -27.91 -7.62
N ALA B 17 -1.39 -27.67 -7.49
CA ALA B 17 -0.70 -28.00 -6.23
C ALA B 17 -1.41 -27.39 -5.04
N LEU B 18 -1.82 -26.15 -5.20
CA LEU B 18 -2.34 -25.41 -4.08
C LEU B 18 -3.69 -25.98 -3.67
N THR B 19 -4.48 -26.49 -4.62
CA THR B 19 -5.78 -27.08 -4.26
C THR B 19 -5.68 -28.27 -3.27
N ARG B 20 -4.62 -29.07 -3.35
CA ARG B 20 -4.42 -30.16 -2.40
C ARG B 20 -4.13 -29.69 -0.97
N HIS B 21 -4.07 -28.38 -0.74
CA HIS B 21 -3.81 -27.89 0.61
C HIS B 21 -5.01 -27.06 1.12
N GLY B 22 -6.22 -27.27 0.56
CA GLY B 22 -7.39 -26.53 1.03
C GLY B 22 -7.51 -25.12 0.44
N VAL B 23 -6.61 -24.71 -0.45
CA VAL B 23 -6.88 -23.41 -1.10
C VAL B 23 -8.14 -23.48 -1.95
N ARG B 24 -9.21 -22.79 -1.53
CA ARG B 24 -10.42 -22.70 -2.34
C ARG B 24 -10.61 -21.30 -2.90
N HIS B 25 -10.29 -20.25 -2.12
CA HIS B 25 -10.52 -18.86 -2.61
C HIS B 25 -9.31 -18.28 -3.27
N ILE B 26 -9.53 -17.52 -4.33
CA ILE B 26 -8.46 -16.89 -5.06
C ILE B 26 -8.85 -15.47 -5.36
N CYS B 27 -7.95 -14.58 -4.99
CA CYS B 27 -8.24 -13.19 -5.20
C CYS B 27 -7.30 -12.62 -6.24
N ILE B 28 -7.87 -11.92 -7.21
CA ILE B 28 -7.11 -11.59 -8.39
C ILE B 28 -7.30 -10.12 -8.71
N ALA B 29 -6.19 -9.45 -8.96
CA ALA B 29 -6.28 -8.15 -9.57
C ALA B 29 -5.88 -8.31 -11.03
N PRO B 30 -6.81 -7.98 -11.97
CA PRO B 30 -6.53 -7.90 -13.43
C PRO B 30 -5.15 -7.23 -13.71
N GLY B 31 -4.38 -7.81 -14.63
CA GLY B 31 -3.05 -7.30 -14.99
C GLY B 31 -2.45 -8.11 -16.13
N SER B 32 -1.82 -7.40 -17.05
CA SER B 32 -1.28 -7.97 -18.32
C SER B 32 -0.23 -9.09 -18.11
N ARG B 33 0.82 -8.76 -17.33
CA ARG B 33 1.93 -9.68 -17.01
C ARG B 33 1.56 -10.88 -16.06
N SER B 34 0.35 -10.89 -15.48
CA SER B 34 -0.07 -12.04 -14.63
C SER B 34 -0.99 -13.00 -15.37
N THR B 35 -1.16 -12.75 -16.67
CA THR B 35 -2.22 -13.43 -17.42
C THR B 35 -2.16 -14.96 -17.26
N LEU B 36 -0.97 -15.55 -17.19
CA LEU B 36 -0.88 -16.99 -17.17
C LEU B 36 -1.43 -17.62 -15.87
N LEU B 37 -1.05 -17.04 -14.71
CA LEU B 37 -1.52 -17.56 -13.41
C LEU B 37 -3.03 -17.37 -13.34
N THR B 38 -3.43 -16.19 -13.80
CA THR B 38 -4.84 -15.78 -13.98
C THR B 38 -5.69 -16.66 -14.89
N LEU B 39 -5.17 -16.98 -16.06
CA LEU B 39 -5.85 -17.87 -16.95
C LEU B 39 -5.90 -19.25 -16.34
N ALA B 40 -4.77 -19.68 -15.77
CA ALA B 40 -4.69 -21.01 -15.21
C ALA B 40 -5.76 -21.10 -14.15
N ALA B 41 -5.84 -20.06 -13.29
CA ALA B 41 -6.83 -19.96 -12.17
C ALA B 41 -8.28 -20.04 -12.60
N ALA B 42 -8.57 -19.42 -13.74
CA ALA B 42 -9.93 -19.37 -14.30
C ALA B 42 -10.40 -20.75 -14.77
N GLU B 43 -9.44 -21.56 -15.22
CA GLU B 43 -9.68 -22.82 -15.88
C GLU B 43 -9.77 -23.95 -14.83
N ASN B 44 -9.37 -23.63 -13.60
CA ASN B 44 -9.41 -24.59 -12.51
C ASN B 44 -10.70 -24.39 -11.77
N SER B 45 -11.52 -25.46 -11.75
CA SER B 45 -12.83 -25.42 -11.11
C SER B 45 -12.78 -25.43 -9.58
N ALA B 46 -11.61 -25.74 -9.01
CA ALA B 46 -11.44 -25.78 -7.56
C ALA B 46 -11.65 -24.46 -6.91
N PHE B 47 -11.56 -23.36 -7.67
CA PHE B 47 -11.46 -22.09 -7.04
C PHE B 47 -12.73 -21.27 -7.12
N ILE B 48 -12.97 -20.53 -6.03
CA ILE B 48 -13.88 -19.37 -5.97
C ILE B 48 -13.06 -18.10 -6.23
N HIS B 49 -13.42 -17.27 -7.20
CA HIS B 49 -12.65 -16.13 -7.62
C HIS B 49 -13.20 -14.82 -7.11
N HIS B 50 -12.30 -13.93 -6.64
CA HIS B 50 -12.68 -12.61 -6.20
C HIS B 50 -11.75 -11.66 -6.91
N THR B 51 -12.28 -10.50 -7.27
CA THR B 51 -11.44 -9.54 -7.98
C THR B 51 -11.49 -8.20 -7.26
N HIS B 52 -10.36 -7.48 -7.28
CA HIS B 52 -10.37 -6.08 -6.93
C HIS B 52 -9.29 -5.37 -7.73
N PHE B 53 -9.52 -4.10 -8.05
CA PHE B 53 -8.56 -3.32 -8.80
C PHE B 53 -7.45 -2.75 -7.93
N ASP B 54 -7.65 -2.60 -6.62
CA ASP B 54 -6.61 -2.04 -5.71
C ASP B 54 -5.93 -3.19 -5.01
N GLU B 55 -4.63 -3.40 -5.29
CA GLU B 55 -3.94 -4.56 -4.71
C GLU B 55 -3.81 -4.58 -3.22
N ARG B 56 -3.75 -3.39 -2.60
CA ARG B 56 -3.72 -3.30 -1.15
C ARG B 56 -5.01 -3.86 -0.57
N GLY B 57 -6.13 -3.46 -1.17
CA GLY B 57 -7.43 -3.91 -0.70
C GLY B 57 -7.63 -5.36 -1.12
N LEU B 58 -7.00 -5.77 -2.23
CA LEU B 58 -7.05 -7.16 -2.60
C LEU B 58 -6.42 -8.07 -1.52
N GLY B 59 -5.24 -7.71 -1.00
CA GLY B 59 -4.57 -8.41 0.13
C GLY B 59 -5.49 -8.54 1.39
N HIS B 60 -6.19 -7.48 1.73
CA HIS B 60 -7.11 -7.44 2.85
C HIS B 60 -8.40 -8.23 2.66
N LEU B 61 -8.97 -8.21 1.46
CA LEU B 61 -10.01 -9.18 1.08
C LEU B 61 -9.60 -10.62 1.44
N ALA B 62 -8.45 -11.00 0.88
CA ALA B 62 -7.91 -12.34 1.03
C ALA B 62 -7.74 -12.62 2.52
N LEU B 63 -7.27 -11.63 3.25
CA LEU B 63 -7.11 -11.74 4.69
C LEU B 63 -8.42 -11.96 5.40
N GLY B 64 -9.43 -11.12 5.08
CA GLY B 64 -10.78 -11.35 5.58
C GLY B 64 -11.29 -12.76 5.31
N LEU B 65 -11.09 -13.26 4.07
CA LEU B 65 -11.47 -14.68 3.67
C LEU B 65 -10.76 -15.72 4.57
N ALA B 66 -9.45 -15.56 4.70
CA ALA B 66 -8.66 -16.45 5.50
C ALA B 66 -9.06 -16.39 7.01
N LYS B 67 -9.23 -15.17 7.55
CA LYS B 67 -9.66 -14.96 8.92
C LYS B 67 -10.90 -15.79 9.29
N VAL B 68 -11.96 -15.74 8.46
CA VAL B 68 -13.15 -16.54 8.76
C VAL B 68 -13.04 -18.00 8.36
N SER B 69 -12.57 -18.28 7.14
CA SER B 69 -12.48 -19.66 6.67
C SER B 69 -11.44 -20.54 7.40
N LYS B 70 -10.41 -19.91 7.96
CA LYS B 70 -9.33 -20.68 8.63
C LYS B 70 -8.64 -21.58 7.60
N GLN B 71 -8.80 -21.30 6.30
CA GLN B 71 -8.06 -22.02 5.26
C GLN B 71 -7.14 -21.06 4.45
N PRO B 72 -6.09 -21.57 3.77
CA PRO B 72 -5.18 -20.64 3.06
C PRO B 72 -5.84 -20.05 1.85
N VAL B 73 -5.52 -18.80 1.55
CA VAL B 73 -6.23 -18.13 0.48
C VAL B 73 -5.14 -17.58 -0.45
N ALA B 74 -5.33 -17.71 -1.77
CA ALA B 74 -4.24 -17.32 -2.65
C ALA B 74 -4.52 -15.94 -3.18
N VAL B 75 -3.46 -15.23 -3.56
CA VAL B 75 -3.63 -13.96 -4.21
C VAL B 75 -2.72 -13.96 -5.38
N ILE B 76 -3.21 -13.46 -6.54
CA ILE B 76 -2.40 -13.31 -7.69
C ILE B 76 -2.34 -11.87 -8.14
N VAL B 77 -1.13 -11.39 -8.39
CA VAL B 77 -0.93 -10.04 -8.85
C VAL B 77 0.17 -10.07 -9.91
N THR B 78 0.16 -9.06 -10.76
CA THR B 78 1.11 -8.90 -11.84
C THR B 78 2.43 -8.34 -11.29
N SER B 79 3.46 -8.22 -12.12
CA SER B 79 4.78 -7.79 -11.64
C SER B 79 4.72 -6.29 -11.36
N GLY B 80 5.56 -5.78 -10.45
CA GLY B 80 5.67 -4.29 -10.20
C GLY B 80 5.22 -3.85 -8.81
N THR B 81 4.95 -2.55 -8.62
CA THR B 81 4.39 -2.04 -7.34
C THR B 81 3.00 -2.72 -6.98
N ALA B 82 2.33 -3.36 -7.94
CA ALA B 82 1.18 -4.23 -7.53
C ALA B 82 1.66 -5.07 -6.34
N VAL B 83 2.87 -5.58 -6.47
CA VAL B 83 3.28 -6.56 -5.52
C VAL B 83 3.42 -5.95 -4.15
N ALA B 84 3.97 -4.73 -4.12
CA ALA B 84 4.34 -4.08 -2.87
C ALA B 84 3.09 -3.71 -2.13
N ASN B 85 2.00 -3.49 -2.85
CA ASN B 85 0.66 -3.14 -2.21
C ASN B 85 0.17 -4.29 -1.35
N LEU B 86 0.75 -5.45 -1.51
CA LEU B 86 0.36 -6.57 -0.61
C LEU B 86 1.00 -6.57 0.81
N TYR B 87 1.99 -5.70 1.04
CA TYR B 87 2.80 -5.83 2.30
C TYR B 87 1.88 -5.68 3.51
N PRO B 88 1.03 -4.63 3.54
CA PRO B 88 0.23 -4.48 4.75
C PRO B 88 -0.53 -5.77 5.17
N ALA B 89 -1.13 -6.47 4.25
CA ALA B 89 -2.00 -7.55 4.71
C ALA B 89 -1.11 -8.72 5.04
N LEU B 90 0.05 -8.80 4.36
CA LEU B 90 0.98 -9.87 4.60
C LEU B 90 1.54 -9.77 6.03
N ILE B 91 1.85 -8.55 6.43
CA ILE B 91 2.36 -8.22 7.73
C ILE B 91 1.31 -8.51 8.80
N GLU B 92 0.09 -8.04 8.58
CA GLU B 92 -1.03 -8.43 9.48
C GLU B 92 -1.09 -9.98 9.65
N ALA B 93 -1.18 -10.73 8.54
CA ALA B 93 -1.26 -12.23 8.59
C ALA B 93 -0.15 -12.84 9.43
N GLY B 94 1.03 -12.25 9.31
CA GLY B 94 2.24 -12.69 10.00
C GLY B 94 2.11 -12.51 11.50
N LEU B 95 1.19 -11.66 11.92
CA LEU B 95 0.87 -11.49 13.32
C LEU B 95 -0.38 -12.25 13.80
N THR B 96 -1.43 -12.32 12.98
CA THR B 96 -2.60 -12.97 13.47
C THR B 96 -2.69 -14.38 12.95
N GLY B 97 -1.84 -14.73 12.00
CA GLY B 97 -1.71 -16.11 11.55
C GLY B 97 -2.52 -16.55 10.34
N GLU B 98 -3.25 -15.64 9.66
CA GLU B 98 -3.93 -16.03 8.39
C GLU B 98 -2.90 -16.51 7.40
N LYS B 99 -3.27 -17.48 6.59
CA LYS B 99 -2.38 -18.08 5.64
C LYS B 99 -2.62 -17.53 4.22
N LEU B 100 -2.02 -16.38 3.89
CA LEU B 100 -2.16 -15.81 2.57
C LEU B 100 -1.06 -16.29 1.67
N ILE B 101 -1.42 -16.80 0.51
CA ILE B 101 -0.45 -17.41 -0.35
C ILE B 101 -0.33 -16.41 -1.48
N LEU B 102 0.75 -15.67 -1.50
CA LEU B 102 0.89 -14.61 -2.50
C LEU B 102 1.56 -15.14 -3.72
N LEU B 103 0.84 -15.17 -4.88
CA LEU B 103 1.50 -15.55 -6.14
C LEU B 103 1.77 -14.32 -6.98
N THR B 104 3.03 -13.94 -6.96
CA THR B 104 3.45 -12.71 -7.61
C THR B 104 4.12 -13.03 -8.95
N ALA B 105 3.41 -12.76 -10.02
CA ALA B 105 4.01 -12.82 -11.36
C ALA B 105 5.31 -11.91 -11.45
N ASP B 106 6.32 -12.34 -12.17
CA ASP B 106 7.55 -11.55 -12.23
C ASP B 106 8.04 -11.56 -13.68
N ARG B 107 8.85 -10.57 -14.07
CA ARG B 107 9.50 -10.58 -15.36
C ARG B 107 10.56 -11.67 -15.22
N PRO B 108 11.03 -12.23 -16.35
CA PRO B 108 12.08 -13.24 -16.21
C PRO B 108 13.40 -12.58 -15.81
N PRO B 109 14.35 -13.38 -15.28
CA PRO B 109 15.51 -12.71 -14.71
C PRO B 109 16.29 -11.81 -15.70
N GLU B 110 16.24 -12.08 -17.00
CA GLU B 110 16.97 -11.27 -17.97
C GLU B 110 16.42 -9.85 -18.03
N LEU B 111 15.20 -9.67 -17.51
CA LEU B 111 14.55 -8.34 -17.62
C LEU B 111 14.54 -7.51 -16.33
N ILE B 112 15.30 -7.93 -15.30
CA ILE B 112 15.36 -7.21 -14.02
C ILE B 112 16.62 -6.32 -14.10
N ASP B 113 16.52 -5.07 -13.64
CA ASP B 113 17.68 -4.19 -13.47
C ASP B 113 18.27 -3.77 -14.81
N CYS B 114 17.41 -3.53 -15.80
CA CYS B 114 17.88 -3.02 -17.09
C CYS B 114 16.85 -2.07 -17.69
N GLY B 115 16.09 -1.39 -16.84
CA GLY B 115 15.12 -0.38 -17.33
C GLY B 115 13.95 -0.88 -18.16
N ALA B 116 13.62 -2.16 -18.00
CA ALA B 116 12.40 -2.74 -18.59
C ALA B 116 11.17 -2.22 -17.85
N ASN B 117 10.00 -2.28 -18.50
CA ASN B 117 8.79 -1.68 -17.95
C ASN B 117 8.26 -2.60 -16.88
N GLN B 118 7.75 -2.01 -15.78
CA GLN B 118 7.02 -2.74 -14.76
C GLN B 118 7.85 -3.90 -14.16
N ALA B 119 9.16 -3.65 -14.03
CA ALA B 119 10.15 -4.67 -13.70
C ALA B 119 10.87 -4.24 -12.41
N ILE B 120 10.78 -5.02 -11.34
CA ILE B 120 11.46 -4.61 -10.08
C ILE B 120 12.06 -5.81 -9.42
N ARG B 121 12.90 -5.60 -8.41
CA ARG B 121 13.48 -6.70 -7.65
C ARG B 121 12.42 -7.27 -6.71
N GLN B 122 11.87 -8.44 -7.03
CA GLN B 122 10.74 -9.00 -6.24
C GLN B 122 11.15 -10.03 -5.19
N PRO B 123 12.05 -10.93 -5.53
CA PRO B 123 12.42 -11.90 -4.44
C PRO B 123 12.96 -11.27 -3.16
N GLY B 124 12.51 -11.72 -1.98
CA GLY B 124 12.95 -11.13 -0.67
C GLY B 124 12.34 -9.76 -0.29
N MET B 125 11.50 -9.25 -1.19
CA MET B 125 10.86 -7.96 -1.11
C MET B 125 10.13 -7.70 0.22
N PHE B 126 9.55 -8.77 0.80
CA PHE B 126 8.75 -8.71 2.02
C PHE B 126 9.61 -9.12 3.27
N ALA B 127 10.93 -9.24 3.07
CA ALA B 127 11.89 -9.27 4.17
C ALA B 127 11.48 -10.41 5.06
N SER B 128 11.37 -10.19 6.38
CA SER B 128 11.16 -11.31 7.33
C SER B 128 9.69 -11.59 7.51
N HIS B 129 8.83 -10.91 6.78
CA HIS B 129 7.43 -11.08 7.10
C HIS B 129 6.69 -12.36 6.64
N PRO B 130 6.99 -12.90 5.42
CA PRO B 130 6.21 -14.15 5.17
C PRO B 130 6.81 -15.22 6.02
N THR B 131 6.05 -16.28 6.30
CA THR B 131 6.59 -17.40 7.05
C THR B 131 7.59 -18.15 6.15
N HIS B 132 7.26 -18.31 4.85
CA HIS B 132 8.13 -18.98 3.86
C HIS B 132 8.10 -18.14 2.63
N SER B 133 9.20 -18.16 1.90
CA SER B 133 9.32 -17.41 0.65
C SER B 133 9.89 -18.39 -0.36
N ILE B 134 9.33 -18.45 -1.55
CA ILE B 134 9.85 -19.29 -2.62
C ILE B 134 10.14 -18.37 -3.79
N SER B 135 11.38 -18.28 -4.27
CA SER B 135 11.64 -17.64 -5.56
C SER B 135 11.82 -18.73 -6.62
N LEU B 136 10.74 -18.96 -7.36
CA LEU B 136 10.73 -20.00 -8.37
C LEU B 136 11.72 -19.64 -9.49
N PRO B 137 12.37 -20.65 -10.04
CA PRO B 137 13.27 -20.51 -11.17
C PRO B 137 12.48 -20.09 -12.40
N ARG B 138 13.20 -19.52 -13.35
CA ARG B 138 12.65 -19.30 -14.72
C ARG B 138 12.08 -20.60 -15.23
N PRO B 139 10.84 -20.58 -15.78
CA PRO B 139 10.33 -21.91 -16.21
C PRO B 139 11.16 -22.58 -17.31
N THR B 140 11.39 -23.88 -17.16
CA THR B 140 12.01 -24.73 -18.25
C THR B 140 11.56 -26.18 -18.04
N GLN B 141 11.40 -26.95 -19.11
CA GLN B 141 11.07 -28.38 -18.92
C GLN B 141 12.24 -29.19 -18.39
N ASP B 142 13.40 -28.55 -18.23
CA ASP B 142 14.55 -29.29 -17.67
C ASP B 142 14.47 -29.48 -16.14
N ILE B 143 13.59 -28.71 -15.49
CA ILE B 143 13.29 -28.94 -14.10
C ILE B 143 11.96 -29.71 -14.05
N PRO B 144 11.96 -30.85 -13.38
CA PRO B 144 10.83 -31.70 -13.57
C PRO B 144 9.65 -31.21 -12.72
N ALA B 145 8.43 -31.50 -13.19
CA ALA B 145 7.22 -31.06 -12.54
C ALA B 145 7.16 -31.54 -11.08
N ARG B 146 7.70 -32.72 -10.77
CA ARG B 146 7.70 -33.21 -9.37
C ARG B 146 8.51 -32.34 -8.44
N TRP B 147 9.54 -31.66 -8.96
CA TRP B 147 10.22 -30.69 -8.12
C TRP B 147 9.29 -29.55 -7.78
N LEU B 148 8.68 -28.98 -8.79
CA LEU B 148 7.75 -27.85 -8.60
C LEU B 148 6.59 -28.10 -7.62
N VAL B 149 5.88 -29.20 -7.79
CA VAL B 149 4.86 -29.49 -6.83
C VAL B 149 5.45 -29.78 -5.42
N SER B 150 6.61 -30.45 -5.33
CA SER B 150 7.18 -30.72 -4.00
C SER B 150 7.59 -29.46 -3.28
N THR B 151 8.11 -28.50 -4.04
CA THR B 151 8.49 -27.23 -3.43
C THR B 151 7.25 -26.56 -2.88
N ILE B 152 6.18 -26.60 -3.62
CA ILE B 152 4.95 -26.01 -3.10
C ILE B 152 4.42 -26.79 -1.92
N ASP B 153 4.41 -28.14 -2.02
CA ASP B 153 3.88 -28.95 -0.93
C ASP B 153 4.66 -28.80 0.33
N HIS B 154 5.94 -28.47 0.19
CA HIS B 154 6.76 -28.26 1.35
C HIS B 154 6.41 -26.91 1.99
N ALA B 155 6.28 -25.83 1.18
CA ALA B 155 5.98 -24.50 1.73
C ALA B 155 4.67 -24.58 2.48
N LEU B 156 3.66 -25.17 1.83
CA LEU B 156 2.30 -25.22 2.44
C LEU B 156 2.04 -26.33 3.46
N GLY B 157 2.68 -27.47 3.31
CA GLY B 157 2.49 -28.56 4.25
C GLY B 157 3.04 -28.18 5.62
N THR B 158 4.16 -27.45 5.64
CA THR B 158 4.80 -27.03 6.88
C THR B 158 4.31 -25.69 7.48
N LEU B 159 3.33 -25.05 6.84
CA LEU B 159 2.92 -23.71 7.24
C LEU B 159 2.05 -23.78 8.46
N HIS B 160 2.61 -23.42 9.62
CA HIS B 160 1.80 -23.26 10.84
C HIS B 160 0.83 -22.06 10.74
N ALA B 161 1.32 -20.89 10.34
CA ALA B 161 0.48 -19.69 10.18
C ALA B 161 1.23 -18.62 9.41
N GLY B 162 0.53 -17.55 9.02
CA GLY B 162 1.17 -16.45 8.33
C GLY B 162 1.30 -16.72 6.86
N GLY B 163 1.86 -15.77 6.10
CA GLY B 163 1.87 -15.90 4.67
C GLY B 163 3.07 -16.54 3.97
N VAL B 164 2.88 -16.81 2.67
CA VAL B 164 3.90 -17.46 1.89
C VAL B 164 4.06 -16.62 0.65
N HIS B 165 5.27 -16.18 0.32
CA HIS B 165 5.43 -15.41 -0.89
C HIS B 165 6.02 -16.33 -1.92
N ILE B 166 5.33 -16.53 -3.05
CA ILE B 166 5.85 -17.36 -4.13
C ILE B 166 5.98 -16.42 -5.29
N ASN B 167 7.21 -15.98 -5.54
CA ASN B 167 7.49 -15.22 -6.73
C ASN B 167 7.48 -16.14 -8.00
N CYS B 168 6.70 -15.81 -9.01
CA CYS B 168 6.61 -16.64 -10.22
C CYS B 168 7.08 -15.89 -11.47
N PRO B 169 8.39 -15.97 -11.80
CA PRO B 169 8.77 -15.41 -13.11
C PRO B 169 8.22 -16.29 -14.27
N PHE B 170 7.93 -15.64 -15.39
CA PHE B 170 7.55 -16.28 -16.62
C PHE B 170 8.30 -15.63 -17.75
N ALA B 171 8.84 -16.43 -18.66
CA ALA B 171 9.45 -15.92 -19.92
C ALA B 171 8.38 -15.38 -20.89
N GLU B 172 8.72 -14.39 -21.69
CA GLU B 172 7.79 -13.96 -22.79
C GLU B 172 8.07 -14.70 -24.15
N PRO B 173 7.05 -14.82 -25.07
CA PRO B 173 5.68 -14.24 -25.11
C PRO B 173 4.67 -15.07 -24.28
N LEU B 174 3.51 -14.48 -23.97
CA LEU B 174 2.64 -15.02 -22.89
C LEU B 174 1.26 -15.59 -23.34
N GLU B 177 -0.13 -19.41 -29.05
CA GLU B 177 0.40 -20.47 -29.93
C GLU B 177 0.20 -21.83 -29.23
N MET B 178 -1.07 -22.14 -28.92
CA MET B 178 -1.49 -23.23 -28.00
C MET B 178 -1.11 -24.66 -28.44
N ASP B 179 0.20 -24.88 -28.47
CA ASP B 179 0.87 -26.11 -28.84
C ASP B 179 0.52 -27.29 -27.94
N ASP B 180 1.25 -28.41 -28.09
CA ASP B 180 1.31 -29.45 -27.05
C ASP B 180 2.59 -29.42 -26.17
N THR B 181 3.32 -28.30 -26.22
CA THR B 181 4.70 -28.21 -25.74
C THR B 181 5.09 -28.84 -24.37
N GLY B 182 4.43 -28.49 -23.27
CA GLY B 182 4.82 -29.17 -22.04
C GLY B 182 3.89 -30.26 -21.51
N LEU B 183 2.98 -30.76 -22.38
CA LEU B 183 2.05 -31.81 -22.02
C LEU B 183 2.72 -33.04 -21.40
N SER B 184 3.68 -33.64 -22.09
CA SER B 184 4.29 -34.85 -21.53
C SER B 184 5.07 -34.58 -20.23
N TRP B 185 5.59 -33.35 -20.13
CA TRP B 185 6.23 -32.85 -18.91
C TRP B 185 5.23 -32.96 -17.73
N GLN B 186 4.03 -32.44 -17.91
CA GLN B 186 2.96 -32.60 -16.88
C GLN B 186 2.59 -34.03 -16.55
N GLN B 187 2.35 -34.84 -17.60
CA GLN B 187 1.97 -36.26 -17.49
C GLN B 187 2.98 -37.07 -16.72
N ARG B 188 4.18 -36.54 -16.52
CA ARG B 188 5.11 -37.30 -15.63
C ARG B 188 4.60 -37.44 -14.18
N LEU B 189 3.58 -36.65 -13.80
CA LEU B 189 2.97 -36.73 -12.48
C LEU B 189 2.01 -37.91 -12.38
N GLY B 190 1.81 -38.58 -13.51
CA GLY B 190 0.88 -39.71 -13.61
C GLY B 190 -0.46 -39.35 -13.00
N ASP B 191 -0.94 -40.18 -12.08
CA ASP B 191 -2.34 -40.03 -11.61
C ASP B 191 -2.49 -39.10 -10.40
N TRP B 192 -1.40 -38.44 -10.02
CA TRP B 192 -1.53 -37.35 -9.07
C TRP B 192 -2.61 -36.43 -9.59
N TRP B 193 -2.65 -36.21 -10.91
CA TRP B 193 -3.63 -35.27 -11.50
C TRP B 193 -5.08 -35.67 -11.17
N GLN B 194 -5.28 -36.93 -10.85
CA GLN B 194 -6.63 -37.42 -10.54
C GLN B 194 -6.78 -37.68 -9.05
N ASP B 195 -5.72 -37.38 -8.30
CA ASP B 195 -5.68 -37.63 -6.88
C ASP B 195 -6.29 -36.50 -6.10
N ASP B 196 -6.48 -36.72 -4.81
CA ASP B 196 -6.92 -35.64 -3.93
C ASP B 196 -5.91 -35.20 -2.89
N LYS B 197 -4.67 -35.65 -2.97
CA LYS B 197 -3.73 -35.34 -1.87
C LYS B 197 -2.54 -34.60 -2.45
N PRO B 198 -1.69 -34.04 -1.57
CA PRO B 198 -0.40 -33.57 -2.14
C PRO B 198 0.46 -34.67 -2.75
N TRP B 199 1.39 -34.25 -3.63
CA TRP B 199 2.47 -35.12 -4.10
C TRP B 199 3.33 -35.53 -2.97
N LEU B 200 3.89 -34.53 -2.29
CA LEU B 200 4.70 -34.78 -1.08
C LEU B 200 3.89 -34.38 0.12
N ARG B 201 3.78 -35.27 1.11
CA ARG B 201 3.05 -34.88 2.30
C ARG B 201 3.99 -34.65 3.42
N GLU B 202 4.15 -33.39 3.77
CA GLU B 202 5.06 -33.00 4.86
C GLU B 202 4.20 -32.11 5.72
N ALA B 203 3.81 -32.57 6.89
CA ALA B 203 2.83 -31.84 7.67
C ALA B 203 3.10 -31.94 9.18
N PRO B 204 4.29 -31.51 9.64
CA PRO B 204 4.48 -31.62 11.10
C PRO B 204 3.52 -30.72 11.89
N ARG B 205 3.09 -31.17 13.06
CA ARG B 205 2.38 -30.33 14.01
C ARG B 205 3.35 -29.67 14.97
N LEU B 206 3.14 -28.36 15.18
CA LEU B 206 3.84 -27.60 16.20
C LEU B 206 2.89 -27.40 17.36
N GLU B 207 3.28 -27.89 18.54
CA GLU B 207 2.40 -27.84 19.72
C GLU B 207 3.12 -28.11 21.03
N SER B 208 2.77 -27.36 22.08
CA SER B 208 3.35 -27.55 23.38
C SER B 208 2.74 -28.80 24.04
N GLU B 209 3.54 -29.46 24.88
CA GLU B 209 3.12 -30.68 25.61
C GLU B 209 2.19 -30.31 26.77
N LYS B 210 1.49 -31.34 27.30
CA LYS B 210 0.62 -31.20 28.46
C LYS B 210 1.44 -30.68 29.64
N GLN B 211 0.94 -29.68 30.36
CA GLN B 211 1.68 -29.18 31.51
C GLN B 211 1.43 -30.16 32.69
N ARG B 212 2.45 -30.92 33.06
CA ARG B 212 2.35 -31.96 34.11
C ARG B 212 1.94 -31.45 35.49
N ASP B 213 2.18 -30.16 35.76
CA ASP B 213 1.77 -29.60 37.05
C ASP B 213 0.44 -28.83 37.05
N TRP B 214 -0.46 -29.17 36.12
CA TRP B 214 -1.70 -28.38 36.02
C TRP B 214 -2.62 -28.60 37.23
N PHE B 215 -2.63 -29.84 37.71
CA PHE B 215 -3.44 -30.24 38.84
C PHE B 215 -3.07 -29.44 40.10
N PHE B 216 -1.80 -29.11 40.27
CA PHE B 216 -1.36 -28.20 41.32
C PHE B 216 -1.89 -26.79 41.03
N TRP B 217 -1.66 -26.32 39.81
CA TRP B 217 -1.84 -24.90 39.56
C TRP B 217 -3.33 -24.50 39.49
N ARG B 218 -4.17 -25.44 39.03
CA ARG B 218 -5.60 -25.20 38.75
C ARG B 218 -6.38 -25.07 40.04
N GLN B 219 -5.66 -25.26 41.15
CA GLN B 219 -6.23 -25.02 42.47
C GLN B 219 -5.72 -23.76 43.12
N LYS B 220 -4.81 -23.04 42.48
CA LYS B 220 -4.36 -21.81 43.08
C LYS B 220 -5.41 -20.75 42.80
N ARG B 221 -5.11 -19.53 43.21
CA ARG B 221 -5.98 -18.41 42.95
C ARG B 221 -5.56 -17.88 41.61
N GLY B 222 -6.32 -18.25 40.58
CA GLY B 222 -5.97 -17.94 39.19
C GLY B 222 -6.85 -16.82 38.69
N VAL B 223 -6.39 -16.14 37.65
CA VAL B 223 -7.18 -15.19 36.92
C VAL B 223 -7.13 -15.66 35.46
N VAL B 224 -8.29 -15.68 34.81
CA VAL B 224 -8.33 -16.01 33.40
C VAL B 224 -8.53 -14.72 32.61
N VAL B 225 -7.66 -14.50 31.62
CA VAL B 225 -7.81 -13.37 30.71
C VAL B 225 -8.00 -13.93 29.28
N ALA B 226 -9.12 -13.58 28.65
CA ALA B 226 -9.43 -14.12 27.33
C ALA B 226 -9.40 -12.98 26.31
N GLY B 227 -8.45 -13.07 25.35
CA GLY B 227 -8.36 -12.22 24.17
C GLY B 227 -8.96 -12.92 22.93
N ARG B 228 -8.49 -12.56 21.72
CA ARG B 228 -9.05 -13.07 20.42
C ARG B 228 -8.95 -14.61 20.34
N MET B 229 -10.08 -15.25 20.07
CA MET B 229 -10.14 -16.66 19.85
C MET B 229 -11.41 -16.88 19.06
N SER B 230 -11.69 -18.12 18.68
CA SER B 230 -12.88 -18.40 17.90
C SER B 230 -14.09 -18.29 18.82
N ALA B 231 -15.27 -18.17 18.21
CA ALA B 231 -16.55 -18.16 18.93
C ALA B 231 -16.82 -19.40 19.78
N GLU B 232 -16.49 -20.58 19.26
CA GLU B 232 -16.66 -21.80 20.03
C GLU B 232 -15.79 -21.74 21.30
N GLU B 233 -14.56 -21.22 21.15
CA GLU B 233 -13.56 -21.18 22.20
C GLU B 233 -13.98 -20.15 23.25
N GLY B 234 -14.56 -19.05 22.81
CA GLY B 234 -15.13 -18.11 23.72
C GLY B 234 -16.09 -18.84 24.66
N LYS B 235 -16.98 -19.67 24.16
CA LYS B 235 -17.90 -20.33 25.08
C LYS B 235 -17.22 -21.38 25.97
N LYS B 236 -16.23 -22.09 25.43
CA LYS B 236 -15.59 -23.12 26.21
C LYS B 236 -14.79 -22.52 27.38
N VAL B 237 -14.09 -21.41 27.10
CA VAL B 237 -13.26 -20.71 28.09
C VAL B 237 -14.12 -20.15 29.25
N ALA B 238 -15.30 -19.62 28.90
CA ALA B 238 -16.32 -19.18 29.87
C ALA B 238 -16.74 -20.30 30.84
N LEU B 239 -16.95 -21.48 30.29
CA LEU B 239 -17.40 -22.61 31.08
C LEU B 239 -16.26 -23.01 32.00
N TRP B 240 -15.12 -23.24 31.39
CA TRP B 240 -13.91 -23.57 32.08
C TRP B 240 -13.56 -22.60 33.22
N ALA B 241 -13.56 -21.28 32.96
CA ALA B 241 -13.24 -20.29 34.02
C ALA B 241 -14.23 -20.33 35.20
N GLN B 242 -15.49 -20.61 34.86
CA GLN B 242 -16.55 -20.66 35.84
C GLN B 242 -16.34 -21.89 36.73
N THR B 243 -16.07 -23.03 36.10
CA THR B 243 -15.87 -24.26 36.81
C THR B 243 -14.72 -24.12 37.80
N LEU B 244 -13.66 -23.42 37.43
CA LEU B 244 -12.51 -23.24 38.34
C LEU B 244 -12.74 -22.19 39.49
N GLY B 245 -13.77 -21.36 39.37
CA GLY B 245 -13.97 -20.33 40.35
C GLY B 245 -13.10 -19.09 40.17
N TRP B 246 -12.60 -18.88 38.95
CA TRP B 246 -11.67 -17.81 38.67
C TRP B 246 -12.38 -16.73 37.91
N PRO B 247 -12.03 -15.47 38.19
CA PRO B 247 -12.61 -14.42 37.41
C PRO B 247 -12.07 -14.47 35.97
N LEU B 248 -12.91 -14.07 35.03
CA LEU B 248 -12.61 -14.12 33.62
C LEU B 248 -12.72 -12.72 33.13
N ILE B 249 -11.59 -12.15 32.75
CA ILE B 249 -11.65 -10.87 32.13
C ILE B 249 -11.69 -11.18 30.61
N GLY B 250 -12.87 -10.96 30.02
CA GLY B 250 -13.14 -11.28 28.62
C GLY B 250 -13.11 -10.04 27.76
N ASP B 251 -12.18 -10.01 26.80
CA ASP B 251 -12.06 -8.93 25.81
C ASP B 251 -13.28 -8.91 24.87
N VAL B 252 -13.51 -7.76 24.23
CA VAL B 252 -14.49 -7.69 23.12
C VAL B 252 -14.28 -8.77 22.03
N LEU B 253 -13.04 -9.20 21.82
CA LEU B 253 -12.75 -10.16 20.79
C LEU B 253 -12.95 -11.59 21.32
N SER B 254 -13.32 -11.74 22.59
CA SER B 254 -13.28 -13.05 23.19
C SER B 254 -14.49 -13.87 22.92
N GLN B 255 -15.64 -13.23 22.70
CA GLN B 255 -16.91 -13.98 22.56
C GLN B 255 -17.15 -14.88 23.73
N THR B 256 -16.70 -14.48 24.93
CA THR B 256 -16.93 -15.25 26.19
C THR B 256 -18.26 -14.90 26.85
N GLY B 257 -18.90 -13.82 26.41
CA GLY B 257 -20.16 -13.33 27.00
C GLY B 257 -19.85 -12.29 28.06
N GLN B 258 -18.57 -12.06 28.27
CA GLN B 258 -18.07 -11.10 29.22
C GLN B 258 -18.84 -11.13 30.57
N PRO B 259 -18.80 -12.28 31.29
CA PRO B 259 -19.51 -12.41 32.59
C PRO B 259 -19.15 -11.36 33.65
N LEU B 260 -18.03 -10.65 33.51
CA LEU B 260 -17.66 -9.51 34.36
C LEU B 260 -17.47 -8.32 33.47
N PRO B 261 -18.58 -7.85 32.87
CA PRO B 261 -18.54 -6.80 31.86
C PRO B 261 -17.92 -5.53 32.40
N CYS B 262 -17.62 -4.57 31.52
CA CYS B 262 -16.96 -3.28 31.88
C CYS B 262 -15.65 -3.35 32.71
N ALA B 263 -14.81 -4.36 32.44
CA ALA B 263 -13.50 -4.47 33.07
C ALA B 263 -12.74 -3.18 32.91
N ASP B 264 -12.91 -2.49 31.80
CA ASP B 264 -12.16 -1.27 31.60
C ASP B 264 -12.55 -0.17 32.60
N LEU B 265 -13.66 -0.37 33.29
CA LEU B 265 -14.05 0.53 34.39
C LEU B 265 -13.64 -0.07 35.74
N TRP B 266 -14.19 -1.23 36.06
CA TRP B 266 -13.93 -1.79 37.37
C TRP B 266 -12.46 -2.12 37.67
N LEU B 267 -11.64 -2.13 36.64
CA LEU B 267 -10.20 -2.31 36.82
C LEU B 267 -9.52 -1.06 37.40
N GLY B 268 -10.20 0.09 37.30
CA GLY B 268 -9.70 1.36 37.83
C GLY B 268 -10.13 1.62 39.28
N ASN B 269 -10.78 0.61 39.86
CA ASN B 269 -11.19 0.56 41.26
C ASN B 269 -10.23 -0.25 42.14
N ALA B 270 -9.81 0.34 43.25
CA ALA B 270 -8.85 -0.31 44.17
C ALA B 270 -9.36 -1.60 44.85
N LYS B 271 -10.67 -1.70 45.05
CA LYS B 271 -11.21 -2.92 45.66
C LYS B 271 -10.99 -4.13 44.75
N ALA B 272 -11.13 -3.89 43.43
CA ALA B 272 -10.92 -4.89 42.37
C ALA B 272 -9.46 -5.27 42.24
N THR B 273 -8.57 -4.28 42.09
CA THR B 273 -7.13 -4.53 41.93
C THR B 273 -6.49 -5.23 43.15
N SER B 274 -6.93 -4.82 44.33
CA SER B 274 -6.51 -5.44 45.58
C SER B 274 -6.90 -6.90 45.62
N GLU B 275 -8.08 -7.23 45.12
CA GLU B 275 -8.48 -8.61 45.09
C GLU B 275 -7.60 -9.36 44.07
N LEU B 276 -7.36 -8.70 42.92
CA LEU B 276 -6.51 -9.28 41.86
C LEU B 276 -5.06 -9.50 42.31
N GLN B 277 -4.56 -8.61 43.16
CA GLN B 277 -3.24 -8.73 43.74
C GLN B 277 -3.03 -10.07 44.41
N GLN B 278 -4.12 -10.68 44.86
CA GLN B 278 -4.06 -12.00 45.51
C GLN B 278 -3.86 -13.12 44.49
N ALA B 279 -4.05 -12.78 43.20
CA ALA B 279 -3.85 -13.75 42.07
C ALA B 279 -2.43 -14.33 42.02
N GLN B 280 -2.35 -15.66 42.03
CA GLN B 280 -1.07 -16.42 42.02
C GLN B 280 -0.61 -16.92 40.63
N ILE B 281 -1.58 -17.10 39.73
CA ILE B 281 -1.35 -17.46 38.31
C ILE B 281 -2.36 -16.69 37.45
N VAL B 282 -1.88 -16.19 36.33
CA VAL B 282 -2.76 -15.67 35.27
C VAL B 282 -2.60 -16.61 34.06
N VAL B 283 -3.71 -17.20 33.60
CA VAL B 283 -3.80 -17.88 32.33
C VAL B 283 -4.46 -16.94 31.32
N GLN B 284 -3.66 -16.44 30.37
CA GLN B 284 -4.24 -15.69 29.28
C GLN B 284 -4.48 -16.65 28.07
N LEU B 285 -5.74 -16.77 27.63
CA LEU B 285 -6.02 -17.52 26.39
C LEU B 285 -6.33 -16.55 25.28
N GLY B 286 -5.53 -16.61 24.21
CA GLY B 286 -5.59 -15.62 23.14
C GLY B 286 -4.74 -14.35 23.37
N SER B 287 -4.83 -13.37 22.48
CA SER B 287 -4.06 -12.15 22.69
C SER B 287 -4.72 -11.04 21.99
N SER B 288 -3.94 -10.01 21.68
CA SER B 288 -4.44 -8.72 21.22
C SER B 288 -5.51 -8.11 22.12
N LEU B 289 -5.18 -7.94 23.40
CA LEU B 289 -6.07 -7.36 24.40
C LEU B 289 -6.38 -5.93 24.04
N THR B 290 -7.59 -5.50 24.30
CA THR B 290 -8.08 -4.21 23.78
C THR B 290 -8.04 -3.02 24.75
N GLY B 291 -8.50 -3.25 25.99
CA GLY B 291 -8.68 -2.17 26.96
C GLY B 291 -7.41 -1.53 27.52
N LYS B 292 -7.42 -0.20 27.60
CA LYS B 292 -6.41 0.55 28.35
C LYS B 292 -6.16 -0.02 29.77
N ARG B 293 -7.23 -0.25 30.54
CA ARG B 293 -7.10 -0.69 31.95
C ARG B 293 -6.56 -2.08 32.05
N LEU B 294 -7.13 -2.97 31.26
CA LEU B 294 -6.60 -4.27 31.14
C LEU B 294 -5.12 -4.27 30.66
N LEU B 295 -4.78 -3.48 29.66
CA LEU B 295 -3.34 -3.45 29.30
C LEU B 295 -2.42 -2.92 30.42
N GLN B 296 -2.84 -1.86 31.13
CA GLN B 296 -2.03 -1.42 32.29
C GLN B 296 -2.05 -2.53 33.33
N TRP B 297 -3.19 -3.16 33.55
CA TRP B 297 -3.22 -4.12 34.63
C TRP B 297 -2.27 -5.30 34.35
N GLN B 298 -2.34 -5.78 33.12
CA GLN B 298 -1.53 -6.85 32.60
C GLN B 298 -0.04 -6.54 32.80
N ALA B 299 0.36 -5.32 32.39
CA ALA B 299 1.73 -4.89 32.53
C ALA B 299 2.23 -4.91 34.00
N SER B 300 1.34 -4.60 34.95
CA SER B 300 1.79 -4.41 36.33
C SER B 300 1.57 -5.60 37.24
N CYS B 301 0.77 -6.59 36.83
CA CYS B 301 0.36 -7.63 37.73
C CYS B 301 1.58 -8.49 38.03
N GLU B 302 1.52 -9.25 39.11
CA GLU B 302 2.72 -9.98 39.52
C GLU B 302 2.45 -11.35 40.09
N PRO B 303 1.73 -12.20 39.32
CA PRO B 303 1.50 -13.58 39.77
C PRO B 303 2.81 -14.31 39.87
N GLU B 304 2.78 -15.49 40.48
CA GLU B 304 3.96 -16.34 40.56
C GLU B 304 4.34 -16.79 39.11
N GLU B 305 3.32 -16.98 38.24
CA GLU B 305 3.51 -17.38 36.82
C GLU B 305 2.41 -16.78 35.98
N TYR B 306 2.79 -16.37 34.78
CA TYR B 306 1.88 -15.86 33.79
C TYR B 306 1.94 -16.83 32.59
N TRP B 307 0.78 -17.35 32.16
CA TRP B 307 0.69 -18.26 31.03
C TRP B 307 -0.08 -17.62 29.88
N ILE B 308 0.45 -17.78 28.67
CA ILE B 308 -0.28 -17.40 27.41
C ILE B 308 -0.41 -18.58 26.47
N VAL B 309 -1.67 -18.94 26.22
CA VAL B 309 -2.04 -20.05 25.41
C VAL B 309 -2.60 -19.48 24.14
N ASP B 310 -1.94 -19.75 23.02
CA ASP B 310 -2.46 -19.30 21.72
C ASP B 310 -1.81 -20.12 20.60
N ASP B 311 -2.49 -20.36 19.47
CA ASP B 311 -1.65 -21.01 18.46
C ASP B 311 -0.76 -20.19 17.60
N ILE B 312 -0.71 -18.88 17.84
CA ILE B 312 0.41 -18.13 17.24
C ILE B 312 1.72 -18.48 17.96
N GLU B 313 2.85 -18.39 17.27
CA GLU B 313 4.15 -18.68 17.91
C GLU B 313 4.77 -17.42 18.44
N GLY B 314 5.74 -17.54 19.34
CA GLY B 314 6.49 -16.36 19.74
C GLY B 314 5.94 -15.68 20.98
N ARG B 315 6.66 -14.71 21.48
CA ARG B 315 6.25 -14.06 22.72
C ARG B 315 5.03 -13.18 22.53
N LEU B 316 4.19 -13.16 23.54
CA LEU B 316 2.93 -12.51 23.41
C LEU B 316 2.67 -11.64 24.65
N ASP B 317 3.59 -11.71 25.62
CA ASP B 317 3.56 -10.87 26.80
C ASP B 317 4.55 -9.75 26.70
N PRO B 318 4.06 -8.53 26.51
CA PRO B 318 4.98 -7.43 26.34
C PRO B 318 5.50 -6.87 27.69
N ALA B 319 5.08 -7.48 28.82
CA ALA B 319 5.63 -7.21 30.13
C ALA B 319 6.71 -8.26 30.47
N HIS B 320 6.93 -9.23 29.60
CA HIS B 320 7.99 -10.24 29.83
C HIS B 320 7.98 -10.86 31.22
N HIS B 321 6.80 -11.25 31.69
CA HIS B 321 6.67 -11.95 32.98
C HIS B 321 7.32 -13.36 32.93
N ARG B 322 7.72 -13.85 34.09
CA ARG B 322 8.16 -15.22 34.26
C ARG B 322 6.94 -16.06 34.14
N GLY B 323 7.03 -17.09 33.33
CA GLY B 323 5.95 -18.08 33.15
C GLY B 323 6.11 -18.87 31.87
N ARG B 324 5.03 -19.00 31.11
CA ARG B 324 5.07 -19.97 30.06
C ARG B 324 4.33 -19.47 28.89
N ARG B 325 4.86 -19.80 27.70
CA ARG B 325 4.29 -19.44 26.43
C ARG B 325 3.93 -20.77 25.74
N LEU B 326 2.63 -21.00 25.59
CA LEU B 326 2.15 -22.35 25.22
C LEU B 326 1.39 -22.33 23.91
N ILE B 327 1.89 -23.08 22.94
CA ILE B 327 1.37 -23.05 21.57
C ILE B 327 0.32 -24.13 21.42
N ALA B 328 -0.88 -23.70 21.07
CA ALA B 328 -1.94 -24.67 21.06
C ALA B 328 -3.24 -24.08 20.59
N ASN B 329 -3.98 -24.89 19.89
CA ASN B 329 -5.33 -24.60 19.60
C ASN B 329 -6.05 -24.46 20.96
N ILE B 330 -6.75 -23.36 21.19
CA ILE B 330 -7.22 -23.08 22.55
C ILE B 330 -8.12 -24.21 23.04
N ALA B 331 -9.10 -24.53 22.21
CA ALA B 331 -10.01 -25.64 22.39
C ALA B 331 -9.31 -26.95 22.76
N ASP B 332 -8.27 -27.31 22.03
CA ASP B 332 -7.53 -28.52 22.39
C ASP B 332 -6.85 -28.39 23.72
N TRP B 333 -6.40 -27.18 24.03
CA TRP B 333 -5.63 -26.94 25.25
C TRP B 333 -6.54 -27.12 26.48
N LEU B 334 -7.75 -26.54 26.43
CA LEU B 334 -8.74 -26.76 27.54
C LEU B 334 -8.95 -28.23 27.83
N GLU B 335 -9.12 -29.04 26.79
CA GLU B 335 -9.28 -30.48 26.91
C GLU B 335 -8.12 -31.16 27.52
N LEU B 336 -6.94 -30.71 27.14
CA LEU B 336 -5.73 -31.24 27.71
C LEU B 336 -5.49 -30.78 29.16
N HIS B 337 -6.07 -29.64 29.54
CA HIS B 337 -5.93 -29.08 30.87
C HIS B 337 -7.30 -28.75 31.41
N PRO B 338 -8.06 -29.79 31.78
CA PRO B 338 -9.46 -29.64 32.25
C PRO B 338 -9.57 -28.92 33.58
N ALA B 339 -10.69 -28.20 33.74
CA ALA B 339 -11.04 -27.63 35.02
C ALA B 339 -11.52 -28.78 35.94
N GLU B 340 -11.37 -28.58 37.26
CA GLU B 340 -12.10 -29.37 38.28
C GLU B 340 -12.94 -28.37 39.11
N LYS B 341 -14.20 -28.72 39.43
CA LYS B 341 -15.11 -27.75 40.10
C LYS B 341 -14.57 -27.25 41.44
N ARG B 342 -14.71 -25.94 41.65
CA ARG B 342 -13.97 -25.25 42.71
C ARG B 342 -14.59 -23.93 43.07
N GLN B 343 -14.57 -23.61 44.36
CA GLN B 343 -15.26 -22.42 44.88
C GLN B 343 -14.59 -21.10 44.49
N PRO B 344 -15.41 -20.11 44.06
CA PRO B 344 -14.99 -18.80 43.62
C PRO B 344 -14.14 -18.08 44.66
N TRP B 345 -12.87 -17.86 44.34
CA TRP B 345 -12.01 -17.23 45.31
C TRP B 345 -12.19 -15.74 45.38
N CYS B 346 -12.97 -15.17 44.48
CA CYS B 346 -13.15 -13.71 44.43
C CYS B 346 -14.53 -13.33 44.96
N VAL B 347 -14.61 -12.24 45.73
CA VAL B 347 -15.93 -11.72 46.19
C VAL B 347 -16.30 -10.30 45.77
N GLU B 348 -15.33 -9.40 45.76
CA GLU B 348 -15.70 -8.03 45.47
C GLU B 348 -15.86 -7.69 44.00
N ILE B 349 -15.32 -8.53 43.13
CA ILE B 349 -15.36 -8.21 41.71
C ILE B 349 -16.73 -8.41 41.04
N PRO B 350 -17.41 -9.55 41.26
CA PRO B 350 -18.73 -9.73 40.61
C PRO B 350 -19.76 -8.62 40.86
N ARG B 351 -19.68 -8.00 42.05
CA ARG B 351 -20.56 -6.90 42.44
C ARG B 351 -20.09 -5.62 41.77
N LEU B 352 -18.79 -5.38 41.80
CA LEU B 352 -18.22 -4.22 41.10
C LEU B 352 -18.61 -4.18 39.59
N ALA B 353 -18.55 -5.32 38.92
CA ALA B 353 -18.88 -5.41 37.49
C ALA B 353 -20.34 -4.99 37.25
N GLU B 354 -21.24 -5.58 38.02
CA GLU B 354 -22.65 -5.23 38.04
C GLU B 354 -22.93 -3.72 38.16
N GLN B 355 -22.37 -3.09 39.18
CA GLN B 355 -22.58 -1.65 39.39
C GLN B 355 -21.93 -0.82 38.30
N ALA B 356 -20.90 -1.42 37.68
CA ALA B 356 -20.24 -0.88 36.50
C ALA B 356 -21.23 -0.84 35.36
N MET B 357 -21.84 -1.99 35.04
CA MET B 357 -22.82 -2.02 33.96
C MET B 357 -23.96 -1.05 34.28
N GLN B 358 -24.49 -1.17 35.51
CA GLN B 358 -25.62 -0.35 36.00
C GLN B 358 -25.32 1.10 35.82
N ALA B 359 -24.14 1.53 36.27
CA ALA B 359 -23.70 2.90 36.03
C ALA B 359 -23.79 3.32 34.55
N VAL B 360 -23.46 2.39 33.64
CA VAL B 360 -23.46 2.69 32.20
C VAL B 360 -24.88 2.63 31.67
N ILE B 361 -25.68 1.68 32.13
CA ILE B 361 -27.04 1.68 31.63
C ILE B 361 -27.71 3.06 31.98
N ALA B 362 -27.49 3.53 33.20
CA ALA B 362 -27.94 4.83 33.65
C ALA B 362 -27.69 5.98 32.65
N ARG B 363 -26.56 5.99 31.92
CA ARG B 363 -26.29 7.02 30.86
C ARG B 363 -26.41 6.60 29.35
N ARG B 364 -27.32 5.66 29.07
CA ARG B 364 -27.60 5.11 27.71
C ARG B 364 -28.46 5.97 26.73
N ASP B 365 -28.75 7.24 27.04
CA ASP B 365 -29.82 7.96 26.33
C ASP B 365 -29.37 9.00 25.30
N ALA B 366 -28.32 9.74 25.63
CA ALA B 366 -27.71 10.70 24.73
C ALA B 366 -27.41 9.96 23.42
N PHE B 367 -27.53 10.67 22.29
CA PHE B 367 -27.25 10.06 21.00
C PHE B 367 -25.79 10.31 20.67
N GLY B 368 -24.93 9.52 21.28
CA GLY B 368 -23.49 9.71 21.15
C GLY B 368 -22.79 8.41 20.87
N GLU B 369 -21.54 8.55 20.43
CA GLU B 369 -20.60 7.45 20.25
C GLU B 369 -20.66 6.41 21.41
N ALA B 370 -20.64 6.92 22.64
CA ALA B 370 -20.49 6.03 23.76
C ALA B 370 -21.75 5.20 23.95
N GLN B 371 -22.88 5.77 23.58
CA GLN B 371 -24.16 5.10 23.83
C GLN B 371 -24.45 4.08 22.73
N LEU B 372 -24.25 4.52 21.49
CA LEU B 372 -24.18 3.57 20.37
C LEU B 372 -23.38 2.31 20.73
N ALA B 373 -22.16 2.54 21.28
CA ALA B 373 -21.25 1.47 21.68
C ALA B 373 -21.86 0.57 22.75
N HIS B 374 -22.48 1.18 23.77
CA HIS B 374 -23.11 0.42 24.84
C HIS B 374 -24.30 -0.37 24.32
N ARG B 375 -25.08 0.20 23.40
CA ARG B 375 -26.31 -0.47 22.94
C ARG B 375 -26.11 -1.41 21.74
N ILE B 376 -24.85 -1.58 21.30
CA ILE B 376 -24.56 -2.26 20.07
C ILE B 376 -25.25 -3.62 19.94
N CYS B 377 -25.52 -4.32 21.04
CA CYS B 377 -26.08 -5.65 20.79
C CYS B 377 -27.54 -5.66 20.40
N ASP B 378 -28.16 -4.48 20.43
CA ASP B 378 -29.53 -4.36 19.94
C ASP B 378 -29.59 -4.34 18.41
N TYR B 379 -28.44 -4.17 17.78
CA TYR B 379 -28.39 -4.01 16.35
C TYR B 379 -27.66 -5.14 15.64
N LEU B 380 -27.03 -6.01 16.44
CA LEU B 380 -26.45 -7.25 15.93
C LEU B 380 -27.46 -8.05 15.14
N PRO B 381 -27.10 -8.43 13.90
CA PRO B 381 -27.95 -9.27 13.08
C PRO B 381 -28.04 -10.65 13.68
N GLU B 382 -29.24 -11.20 13.67
CA GLU B 382 -29.44 -12.57 14.07
C GLU B 382 -28.62 -13.61 13.29
N GLN B 383 -27.90 -14.44 14.02
CA GLN B 383 -27.12 -15.51 13.39
C GLN B 383 -26.07 -14.88 12.48
N GLY B 384 -25.57 -13.71 12.87
CA GLY B 384 -24.63 -12.92 12.09
C GLY B 384 -23.25 -12.88 12.70
N GLN B 385 -22.54 -11.82 12.37
CA GLN B 385 -21.16 -11.67 12.77
C GLN B 385 -20.85 -10.21 12.77
N LEU B 386 -19.91 -9.85 13.63
CA LEU B 386 -19.54 -8.49 13.85
C LEU B 386 -18.13 -8.36 13.40
N PHE B 387 -17.88 -7.25 12.73
CA PHE B 387 -16.54 -6.91 12.38
C PHE B 387 -16.19 -5.57 12.96
N VAL B 388 -15.13 -5.51 13.75
CA VAL B 388 -14.82 -4.23 14.39
C VAL B 388 -13.52 -3.61 13.89
N GLY B 389 -13.56 -2.28 13.81
CA GLY B 389 -12.40 -1.52 13.43
C GLY B 389 -11.41 -1.32 14.55
N ASN B 390 -10.51 -0.36 14.33
CA ASN B 390 -9.42 -0.05 15.27
C ASN B 390 -9.57 1.40 15.68
N SER B 391 -10.57 1.67 16.51
CA SER B 391 -11.19 2.99 16.59
C SER B 391 -11.69 3.22 17.99
N LEU B 392 -11.82 4.49 18.39
CA LEU B 392 -12.32 4.77 19.76
C LEU B 392 -13.60 3.97 20.03
N VAL B 393 -14.51 3.99 19.06
CA VAL B 393 -15.83 3.35 19.18
C VAL B 393 -15.77 1.86 19.61
N VAL B 394 -14.72 1.16 19.19
CA VAL B 394 -14.53 -0.24 19.60
C VAL B 394 -13.83 -0.48 20.96
N ARG B 395 -12.83 0.32 21.32
CA ARG B 395 -12.56 0.52 22.78
C ARG B 395 -13.86 0.75 23.61
N LEU B 396 -14.81 1.55 23.10
CA LEU B 396 -16.06 1.86 23.84
C LEU B 396 -16.96 0.66 23.95
N ILE B 397 -17.02 -0.14 22.90
CA ILE B 397 -17.80 -1.38 22.94
C ILE B 397 -17.19 -2.31 24.00
N ASP B 398 -15.87 -2.38 23.98
CA ASP B 398 -15.18 -3.25 24.91
C ASP B 398 -15.43 -2.73 26.35
N ALA B 399 -15.48 -1.41 26.50
CA ALA B 399 -15.67 -0.77 27.83
C ALA B 399 -17.15 -0.79 28.21
N LEU B 400 -18.02 -0.36 27.31
CA LEU B 400 -19.42 -0.12 27.71
C LEU B 400 -20.43 -1.21 27.41
N SER B 401 -20.04 -2.23 26.65
CA SER B 401 -21.00 -3.23 26.23
C SER B 401 -20.71 -4.61 26.80
N GLN B 402 -21.68 -5.48 26.73
CA GLN B 402 -21.44 -6.89 26.99
C GLN B 402 -21.90 -7.69 25.76
N LEU B 403 -20.96 -8.22 24.98
CA LEU B 403 -21.39 -8.92 23.74
C LEU B 403 -21.74 -10.34 24.07
N PRO B 404 -22.73 -10.95 23.38
CA PRO B 404 -23.16 -12.29 23.81
C PRO B 404 -22.12 -13.41 23.56
N ALA B 405 -21.98 -14.33 24.52
CA ALA B 405 -21.15 -15.53 24.34
C ALA B 405 -21.30 -16.16 22.95
N GLY B 406 -20.19 -16.40 22.29
CA GLY B 406 -20.28 -17.24 21.10
C GLY B 406 -20.84 -16.55 19.86
N TYR B 407 -21.12 -15.25 19.92
CA TYR B 407 -21.40 -14.51 18.70
C TYR B 407 -20.07 -14.08 18.03
N PRO B 408 -19.87 -14.46 16.75
CA PRO B 408 -18.59 -14.25 16.06
C PRO B 408 -18.18 -12.75 15.98
N VAL B 409 -16.95 -12.46 16.42
CA VAL B 409 -16.43 -11.09 16.26
C VAL B 409 -15.10 -11.22 15.51
N TYR B 410 -14.84 -10.30 14.59
CA TYR B 410 -13.58 -10.34 13.82
C TYR B 410 -13.04 -8.94 13.77
N SER B 411 -11.74 -8.83 13.44
CA SER B 411 -11.05 -7.56 13.53
C SER B 411 -9.67 -7.71 12.86
N ASN B 412 -9.01 -6.59 12.67
CA ASN B 412 -7.64 -6.60 12.19
C ASN B 412 -6.81 -6.04 13.32
N ARG B 413 -6.50 -6.84 14.32
CA ARG B 413 -5.85 -6.26 15.53
C ARG B 413 -4.48 -6.84 15.86
N GLY B 414 -3.76 -7.28 14.83
CA GLY B 414 -2.37 -7.70 15.00
C GLY B 414 -1.52 -6.45 15.10
N ALA B 415 -1.47 -5.67 14.00
CA ALA B 415 -0.80 -4.37 13.97
C ALA B 415 -1.78 -3.21 13.91
N SER B 416 -3.10 -3.51 13.92
CA SER B 416 -4.16 -2.50 14.13
C SER B 416 -4.06 -1.37 13.10
N GLY B 417 -3.76 -1.73 11.86
CA GLY B 417 -3.72 -0.73 10.77
C GLY B 417 -5.12 -0.22 10.51
N ILE B 418 -5.22 1.05 10.14
CA ILE B 418 -6.53 1.52 9.72
C ILE B 418 -6.68 1.43 8.20
N ASP B 419 -5.74 0.76 7.55
CA ASP B 419 -5.64 0.79 6.11
C ASP B 419 -6.48 -0.19 5.26
N GLY B 420 -7.06 -1.23 5.85
CA GLY B 420 -7.85 -2.19 5.04
C GLY B 420 -9.13 -2.76 5.62
N LEU B 421 -9.88 -1.94 6.34
CA LEU B 421 -10.96 -2.50 7.18
C LEU B 421 -12.21 -2.82 6.36
N LEU B 422 -12.49 -2.00 5.36
CA LEU B 422 -13.65 -2.29 4.46
C LEU B 422 -13.43 -3.53 3.62
N SER B 423 -12.28 -3.60 2.97
CA SER B 423 -12.03 -4.76 2.17
C SER B 423 -11.85 -6.00 3.01
N THR B 424 -11.35 -5.88 4.25
CA THR B 424 -11.30 -7.05 5.07
C THR B 424 -12.72 -7.44 5.43
N ALA B 425 -13.54 -6.44 5.70
CA ALA B 425 -14.93 -6.73 6.09
C ALA B 425 -15.63 -7.52 4.99
N ALA B 426 -15.39 -7.13 3.75
CA ALA B 426 -15.99 -7.77 2.61
C ALA B 426 -15.53 -9.20 2.53
N GLY B 427 -14.26 -9.51 2.87
CA GLY B 427 -13.84 -10.93 2.84
C GLY B 427 -14.48 -11.72 3.96
N VAL B 428 -14.62 -11.04 5.09
CA VAL B 428 -15.28 -11.65 6.25
C VAL B 428 -16.73 -12.04 5.91
N GLN B 429 -17.51 -11.12 5.32
CA GLN B 429 -18.87 -11.49 4.85
C GLN B 429 -18.88 -12.66 3.84
N ARG B 430 -17.99 -12.61 2.85
CA ARG B 430 -18.03 -13.64 1.83
C ARG B 430 -17.57 -15.02 2.32
N ALA B 431 -16.62 -15.07 3.24
CA ALA B 431 -16.10 -16.34 3.72
C ALA B 431 -17.25 -17.17 4.30
N SER B 432 -18.07 -16.56 5.12
CA SER B 432 -19.09 -17.33 5.83
C SER B 432 -20.50 -17.19 5.30
N GLY B 433 -20.77 -16.19 4.44
CA GLY B 433 -22.14 -15.96 3.96
C GLY B 433 -23.08 -15.34 5.02
N LYS B 434 -22.56 -14.90 6.17
CA LYS B 434 -23.49 -14.46 7.20
C LYS B 434 -23.80 -13.01 7.02
N PRO B 435 -24.99 -12.56 7.47
CA PRO B 435 -25.20 -11.10 7.50
C PRO B 435 -24.23 -10.50 8.50
N THR B 436 -23.75 -9.31 8.24
CA THR B 436 -22.63 -8.80 8.98
C THR B 436 -22.83 -7.36 9.35
N LEU B 437 -22.41 -7.01 10.58
CA LEU B 437 -22.24 -5.64 11.04
C LEU B 437 -20.79 -5.21 11.07
N ALA B 438 -20.46 -4.09 10.48
CA ALA B 438 -19.07 -3.74 10.51
C ALA B 438 -19.05 -2.33 11.01
N ILE B 439 -18.18 -2.05 11.99
CA ILE B 439 -18.11 -0.74 12.60
C ILE B 439 -16.79 -0.07 12.40
N VAL B 440 -16.85 1.09 11.80
CA VAL B 440 -15.61 1.74 11.38
C VAL B 440 -15.65 3.26 11.67
N GLY B 441 -14.49 3.88 11.73
CA GLY B 441 -14.39 5.32 11.87
C GLY B 441 -14.30 5.96 10.50
N ASP B 442 -14.48 7.28 10.44
CA ASP B 442 -14.50 8.00 9.17
C ASP B 442 -13.16 7.86 8.52
N LEU B 443 -12.09 8.02 9.27
CA LEU B 443 -10.75 7.96 8.70
C LEU B 443 -10.40 6.59 8.10
N SER B 444 -10.90 5.54 8.74
CA SER B 444 -10.76 4.19 8.22
C SER B 444 -11.54 4.03 6.90
N ALA B 445 -12.79 4.51 6.93
CA ALA B 445 -13.60 4.46 5.75
C ALA B 445 -13.01 5.25 4.60
N LEU B 446 -12.38 6.39 4.87
CA LEU B 446 -11.69 7.17 3.83
C LEU B 446 -10.47 6.45 3.28
N TYR B 447 -9.71 5.84 4.19
CA TYR B 447 -8.50 5.18 3.85
C TYR B 447 -8.77 4.07 2.82
N ASP B 448 -9.82 3.28 3.06
CA ASP B 448 -10.15 2.13 2.22
C ASP B 448 -11.41 2.42 1.41
N LEU B 449 -11.55 3.65 0.94
CA LEU B 449 -12.82 4.13 0.36
C LEU B 449 -13.23 3.35 -0.89
N ASN B 450 -12.24 3.06 -1.72
CA ASN B 450 -12.52 2.38 -2.94
C ASN B 450 -12.97 0.93 -2.74
N ALA B 451 -12.94 0.42 -1.52
CA ALA B 451 -13.40 -0.92 -1.26
C ALA B 451 -14.91 -0.96 -1.07
N LEU B 452 -15.58 0.19 -1.18
CA LEU B 452 -17.04 0.20 -1.32
C LEU B 452 -17.45 -0.60 -2.56
N ALA B 453 -16.56 -0.66 -3.56
CA ALA B 453 -16.73 -1.58 -4.72
C ALA B 453 -16.74 -3.06 -4.37
N LEU B 454 -16.06 -3.49 -3.33
CA LEU B 454 -16.17 -4.88 -2.89
C LEU B 454 -17.44 -5.02 -2.11
N LEU B 455 -17.73 -4.04 -1.23
CA LEU B 455 -18.95 -4.06 -0.36
C LEU B 455 -20.25 -4.03 -1.14
N ARG B 456 -20.19 -3.55 -2.38
CA ARG B 456 -21.30 -3.69 -3.29
C ARG B 456 -21.71 -5.14 -3.50
N GLN B 457 -20.77 -6.08 -3.44
CA GLN B 457 -21.01 -7.45 -3.88
C GLN B 457 -20.94 -8.38 -2.69
N VAL B 458 -22.09 -8.63 -2.05
CA VAL B 458 -22.11 -9.39 -0.80
C VAL B 458 -23.16 -10.49 -0.97
N SER B 459 -23.05 -11.58 -0.23
CA SER B 459 -24.00 -12.67 -0.41
C SER B 459 -25.14 -12.62 0.58
N ALA B 460 -25.13 -11.61 1.44
CA ALA B 460 -26.10 -11.46 2.56
C ALA B 460 -25.93 -9.98 2.98
N PRO B 461 -26.96 -9.35 3.58
CA PRO B 461 -26.81 -7.92 3.96
C PRO B 461 -25.60 -7.68 4.85
N LEU B 462 -24.95 -6.56 4.58
CA LEU B 462 -23.89 -6.05 5.39
C LEU B 462 -24.27 -4.61 5.67
N VAL B 463 -24.06 -4.19 6.90
CA VAL B 463 -24.31 -2.81 7.31
C VAL B 463 -22.96 -2.28 7.75
N LEU B 464 -22.55 -1.15 7.18
CA LEU B 464 -21.32 -0.54 7.53
C LEU B 464 -21.72 0.70 8.36
N ILE B 465 -21.49 0.67 9.69
CA ILE B 465 -21.61 1.87 10.48
C ILE B 465 -20.30 2.62 10.37
N VAL B 466 -20.38 3.83 9.85
CA VAL B 466 -19.23 4.70 9.85
C VAL B 466 -19.46 5.76 10.92
N VAL B 467 -18.66 5.76 11.77
CA VAL B 467 -18.65 6.65 12.96
C VAL B 467 -17.71 7.91 12.72
N ASN B 468 -18.47 9.00 12.36
CA ASN B 468 -17.79 10.19 11.88
C ASN B 468 -17.64 11.27 12.97
N ASN B 469 -16.42 11.56 13.39
CA ASN B 469 -16.22 12.64 14.35
C ASN B 469 -15.36 13.74 13.75
N ASN B 470 -15.53 13.94 12.45
CA ASN B 470 -14.55 14.58 11.55
C ASN B 470 -13.82 15.88 11.95
N GLY B 471 -12.49 15.75 12.16
CA GLY B 471 -11.60 16.92 12.27
C GLY B 471 -11.47 17.75 10.98
N GLN B 493 -11.00 18.95 5.85
CA GLN B 493 -11.98 17.89 6.11
C GLN B 493 -13.41 18.49 6.38
N ASN B 494 -14.13 17.85 7.30
CA ASN B 494 -15.58 17.91 7.37
C ASN B 494 -16.17 17.32 6.07
N VAL B 495 -15.80 16.07 5.85
CA VAL B 495 -16.35 15.22 4.77
C VAL B 495 -17.53 14.31 5.26
N HIS B 496 -18.46 14.02 4.36
CA HIS B 496 -19.50 13.02 4.61
C HIS B 496 -19.51 11.88 3.54
N PHE B 497 -20.27 10.81 3.76
CA PHE B 497 -20.22 9.62 2.94
C PHE B 497 -21.44 9.37 2.04
N GLU B 498 -22.36 10.33 1.95
CA GLU B 498 -23.57 10.14 1.15
C GLU B 498 -23.18 9.96 -0.31
N HIS B 499 -22.28 10.80 -0.79
CA HIS B 499 -21.78 10.66 -2.17
C HIS B 499 -20.96 9.40 -2.49
N ALA B 500 -20.21 8.90 -1.50
CA ALA B 500 -19.49 7.64 -1.62
C ALA B 500 -20.49 6.51 -1.75
N ALA B 501 -21.43 6.44 -0.83
CA ALA B 501 -22.57 5.54 -1.00
C ALA B 501 -23.18 5.74 -2.36
N ALA B 502 -23.48 6.95 -2.77
CA ALA B 502 -24.17 7.11 -4.06
C ALA B 502 -23.28 6.69 -5.23
N MET B 503 -21.96 6.99 -5.21
CA MET B 503 -21.03 6.52 -6.28
C MET B 503 -21.10 5.02 -6.58
N PHE B 504 -21.34 4.20 -5.55
CA PHE B 504 -21.30 2.78 -5.73
C PHE B 504 -22.68 2.16 -5.59
N GLU B 505 -23.71 3.01 -5.67
CA GLU B 505 -25.11 2.57 -5.58
C GLU B 505 -25.40 1.74 -4.36
N LEU B 506 -24.98 2.24 -3.20
CA LEU B 506 -25.22 1.57 -1.95
C LEU B 506 -26.28 2.41 -1.26
N LYS B 507 -27.21 1.78 -0.57
CA LYS B 507 -28.10 2.49 0.37
C LYS B 507 -27.34 3.26 1.47
N TYR B 508 -27.88 4.43 1.83
CA TYR B 508 -27.26 5.34 2.81
C TYR B 508 -28.27 5.97 3.76
N HIS B 509 -27.92 6.03 5.05
CA HIS B 509 -28.68 6.73 6.11
C HIS B 509 -27.76 7.49 7.02
N ARG B 510 -28.15 8.72 7.37
CA ARG B 510 -27.53 9.50 8.45
C ARG B 510 -28.54 9.70 9.62
N PRO B 511 -28.80 8.65 10.43
CA PRO B 511 -29.75 8.78 11.55
C PRO B 511 -29.39 9.84 12.58
N GLN B 512 -30.40 10.58 13.03
CA GLN B 512 -30.17 11.62 14.01
C GLN B 512 -30.66 11.33 15.39
N ASN B 513 -31.32 10.20 15.55
CA ASN B 513 -31.62 9.76 16.89
C ASN B 513 -31.84 8.27 16.81
N TRP B 514 -32.32 7.69 17.90
CA TRP B 514 -32.43 6.25 18.02
C TRP B 514 -33.54 5.68 17.14
N GLN B 515 -34.57 6.49 16.86
CA GLN B 515 -35.67 5.99 16.08
C GLN B 515 -35.22 5.89 14.60
N GLU B 516 -34.63 6.98 14.09
CA GLU B 516 -34.01 6.96 12.77
C GLU B 516 -32.96 5.85 12.59
N LEU B 517 -32.19 5.59 13.66
CA LEU B 517 -31.23 4.49 13.68
C LEU B 517 -31.87 3.10 13.60
N GLU B 518 -32.92 2.88 14.37
CA GLU B 518 -33.55 1.54 14.42
C GLU B 518 -34.19 1.23 13.08
N THR B 519 -34.58 2.30 12.39
CA THR B 519 -35.32 2.20 11.14
C THR B 519 -34.35 1.88 9.99
N ALA B 520 -33.27 2.65 9.91
CA ALA B 520 -32.20 2.35 9.01
C ALA B 520 -31.85 0.85 9.04
N PHE B 521 -31.84 0.24 10.23
CA PHE B 521 -31.51 -1.17 10.35
C PHE B 521 -32.53 -2.16 9.83
N ALA B 522 -33.81 -1.92 10.10
CA ALA B 522 -34.86 -2.89 9.73
C ALA B 522 -34.84 -3.14 8.21
N ASP B 523 -34.82 -2.02 7.48
CA ASP B 523 -34.52 -1.88 6.05
C ASP B 523 -33.27 -2.70 5.62
N ALA B 524 -32.19 -2.52 6.36
CA ALA B 524 -30.87 -3.01 6.01
C ALA B 524 -30.79 -4.52 5.92
N TRP B 525 -31.51 -5.23 6.79
CA TRP B 525 -31.41 -6.70 6.86
C TRP B 525 -32.20 -7.49 5.78
N ARG B 526 -32.82 -6.83 4.81
CA ARG B 526 -33.69 -7.56 3.91
C ARG B 526 -33.01 -8.13 2.65
N THR B 527 -31.96 -7.48 2.15
CA THR B 527 -31.38 -7.90 0.87
C THR B 527 -29.86 -8.02 0.86
N PRO B 528 -29.29 -8.86 -0.04
CA PRO B 528 -27.86 -9.09 -0.01
C PRO B 528 -27.14 -7.92 -0.64
N THR B 529 -27.21 -6.80 0.06
CA THR B 529 -26.56 -5.54 -0.30
C THR B 529 -25.94 -4.90 0.95
N THR B 530 -25.06 -3.94 0.76
CA THR B 530 -24.47 -3.25 1.87
C THR B 530 -25.20 -1.96 2.02
N THR B 531 -25.58 -1.62 3.25
CA THR B 531 -26.06 -0.26 3.57
C THR B 531 -25.07 0.50 4.43
N VAL B 532 -24.86 1.77 4.12
CA VAL B 532 -23.96 2.66 4.83
C VAL B 532 -24.83 3.44 5.84
N ILE B 533 -24.54 3.26 7.13
CA ILE B 533 -25.13 4.12 8.13
C ILE B 533 -24.07 5.06 8.72
N GLU B 534 -24.25 6.36 8.52
CA GLU B 534 -23.25 7.30 9.03
C GLU B 534 -23.80 7.97 10.27
N MET B 535 -23.18 7.65 11.41
CA MET B 535 -23.38 8.34 12.70
C MET B 535 -22.44 9.52 12.86
N VAL B 536 -22.96 10.74 12.79
CA VAL B 536 -22.09 11.90 12.97
C VAL B 536 -22.00 12.32 14.49
N VAL B 537 -20.78 12.27 15.06
CA VAL B 537 -20.57 12.64 16.43
C VAL B 537 -19.49 13.69 16.57
N ASN B 538 -19.28 14.06 17.83
CA ASN B 538 -18.26 14.91 18.38
C ASN B 538 -16.93 14.22 18.58
N ASP B 539 -15.84 14.95 18.36
CA ASP B 539 -14.49 14.43 18.68
C ASP B 539 -14.16 14.36 20.18
N THR B 540 -15.10 14.72 21.06
CA THR B 540 -14.80 14.67 22.52
C THR B 540 -15.80 13.96 23.44
N ASP B 541 -17.09 13.98 23.13
CA ASP B 541 -18.08 13.35 24.00
C ASP B 541 -17.71 11.93 24.33
N GLY B 542 -17.36 11.17 23.30
CA GLY B 542 -16.94 9.79 23.45
C GLY B 542 -15.86 9.55 24.49
N ALA B 543 -14.70 10.19 24.35
CA ALA B 543 -13.63 10.14 25.39
C ALA B 543 -14.12 10.62 26.78
N GLN B 544 -14.77 11.78 26.81
CA GLN B 544 -15.31 12.36 28.03
C GLN B 544 -16.14 11.38 28.84
N THR B 545 -17.19 10.84 28.22
CA THR B 545 -18.16 9.92 28.82
C THR B 545 -17.49 8.69 29.47
N LEU B 546 -16.53 8.11 28.75
CA LEU B 546 -15.69 7.02 29.30
C LEU B 546 -14.91 7.51 30.51
N GLN B 547 -14.30 8.70 30.40
CA GLN B 547 -13.50 9.24 31.50
C GLN B 547 -14.33 9.42 32.80
N GLN B 548 -15.57 9.89 32.66
CA GLN B 548 -16.55 10.07 33.76
C GLN B 548 -17.08 8.74 34.30
N LEU B 549 -17.16 7.72 33.46
CA LEU B 549 -17.60 6.43 33.96
C LEU B 549 -16.51 5.77 34.78
N LEU B 550 -15.27 5.85 34.29
CA LEU B 550 -14.09 5.41 35.02
C LEU B 550 -14.10 5.95 36.48
N ALA B 551 -13.99 7.28 36.61
CA ALA B 551 -14.12 8.03 37.90
C ALA B 551 -15.29 7.54 38.76
N GLN B 552 -16.51 7.66 38.23
CA GLN B 552 -17.67 7.10 38.92
C GLN B 552 -17.37 5.70 39.44
N VAL B 553 -17.04 4.77 38.56
CA VAL B 553 -16.88 3.37 38.98
C VAL B 553 -15.72 3.15 39.97
N SER B 554 -14.72 4.01 39.89
CA SER B 554 -13.55 3.97 40.76
C SER B 554 -13.88 4.45 42.17
N HIS B 555 -15.02 5.12 42.32
CA HIS B 555 -15.50 5.64 43.62
C HIS B 555 -16.46 4.65 44.31
N LEU B 556 -16.78 3.51 43.69
CA LEU B 556 -17.73 2.56 44.33
C LEU B 556 -17.08 1.71 45.45
C1 AKG C . -6.80 2.84 -16.25
O1 AKG C . -5.66 2.92 -15.81
O2 AKG C . -7.84 3.39 -15.72
C2 AKG C . -7.14 2.15 -17.40
O5 AKG C . -8.23 1.55 -17.83
C3 AKG C . -6.54 1.55 -18.47
C4 AKG C . -6.60 2.41 -19.67
C5 AKG C . -5.71 1.70 -20.66
O3 AKG C . -6.24 1.08 -21.59
O4 AKG C . -4.48 1.75 -20.51
MG MG D . -9.66 2.57 -18.12
NA NA E . 27.32 15.02 4.02
NA NA F . 16.57 23.08 3.94
NA NA G . -5.01 5.46 -2.05
NA NA H . -7.81 5.24 -2.58
CL CL I . 14.51 14.24 -5.37
NA NA J . 0.31 1.87 11.38
NA NA K . 16.22 0.76 14.20
NA NA L . 22.80 1.48 3.64
NA NA M . 15.80 19.92 34.79
NA NA N . 28.41 15.77 20.16
NA NA O . 36.95 7.26 -24.77
NA NA P . 33.71 6.94 -17.18
NA NA Q . 30.47 4.98 -18.28
NA NA R . 7.25 16.37 -24.53
NA NA S . 6.51 19.07 -23.95
NA NA T . 2.97 5.57 -28.37
NA NA U . 22.59 -0.07 -20.43
NA NA V . -3.72 6.02 -15.74
C1 GOL W . -0.97 -2.70 -11.71
O1 GOL W . -1.48 -3.29 -10.53
C2 GOL W . 0.12 -1.67 -11.31
O2 GOL W . -0.13 -0.93 -10.12
C3 GOL W . 0.52 -0.71 -12.42
O3 GOL W . 0.34 -1.26 -13.69
NA NA X . 13.22 0.66 -48.39
C1 GOL Y . 27.31 12.04 23.95
O1 GOL Y . 27.64 10.96 24.81
C2 GOL Y . 27.72 13.48 24.32
O2 GOL Y . 29.11 13.82 24.17
C3 GOL Y . 26.74 14.52 23.68
O3 GOL Y . 26.66 14.76 22.27
C1 GOL Z . -19.88 21.13 -11.47
O1 GOL Z . -19.32 21.42 -10.20
C2 GOL Z . -21.24 20.39 -11.34
O2 GOL Z . -21.49 19.93 -10.04
C3 GOL Z . -21.38 19.17 -12.26
O3 GOL Z . -21.39 19.58 -13.62
C1 AKG AA . -11.03 7.05 13.14
O1 AKG AA . -10.49 5.96 12.88
O2 AKG AA . -11.54 7.70 12.19
C2 AKG AA . -11.06 7.59 14.54
O5 AKG AA . -10.96 8.78 14.77
C3 AKG AA . -11.26 6.71 15.77
C4 AKG AA . -12.46 7.23 16.58
C5 AKG AA . -13.84 6.90 16.01
O3 AKG AA . -14.26 7.52 14.99
O4 AKG AA . -14.53 6.02 16.60
MG MG BA . -12.93 9.40 13.47
NA NA CA . 8.45 -19.51 -12.29
NA NA DA . 0.03 -30.99 -4.21
NA NA EA . -5.89 -18.91 7.07
NA NA FA . -2.26 -7.43 -10.47
NA NA GA . -7.42 -9.37 15.06
NA NA HA . -10.22 -11.66 13.82
NA NA IA . 9.74 -11.54 0.14
NA NA JA . 16.61 -19.70 -13.11
NA NA KA . 16.30 -22.03 -17.14
CL CL LA . 17.25 -19.74 -16.05
C1 GOL MA . 12.77 -22.76 5.22
O1 GOL MA . 11.87 -23.76 4.79
C2 GOL MA . 12.04 -21.41 5.34
O2 GOL MA . 12.17 -20.92 6.66
C3 GOL MA . 12.54 -20.37 4.33
O3 GOL MA . 11.49 -19.85 3.51
NA NA NA . 9.06 -35.00 -3.14
C1 GOL OA . -4.04 -31.73 -18.10
O1 GOL OA . -4.54 -30.94 -17.03
C2 GOL OA . -3.50 -33.08 -17.60
O2 GOL OA . -4.05 -33.47 -16.37
C3 GOL OA . -1.97 -33.17 -17.58
O3 GOL OA . -1.62 -34.48 -17.16
NA NA PA . 3.79 -15.88 28.20
NA NA QA . -7.05 -13.71 13.18
NA NA RA . 19.37 -30.19 -17.15
NA NA SA . 11.51 -35.11 1.22
NA NA TA . -15.44 -10.81 31.56
NA NA UA . -14.72 -8.44 31.16
NA NA VA . -9.68 1.50 26.95
NA NA WA . -2.34 0.85 28.05
NA NA XA . -11.98 2.00 12.61
C1 GOL YA . -23.48 18.82 5.67
O1 GOL YA . -24.16 18.02 6.61
C2 GOL YA . -22.59 19.82 6.40
O2 GOL YA . -21.66 20.34 5.47
C3 GOL YA . -21.80 19.16 7.53
O3 GOL YA . -21.64 20.05 8.61
#